data_8YTJ
#
_entry.id   8YTJ
#
_cell.length_a   1.00
_cell.length_b   1.00
_cell.length_c   1.00
_cell.angle_alpha   90.00
_cell.angle_beta   90.00
_cell.angle_gamma   90.00
#
_symmetry.space_group_name_H-M   'P 1'
#
loop_
_entity.id
_entity.type
_entity.pdbx_description
1 polymer 'Capsid protein VP1'
2 polymer 'Capsid protein VP2'
3 polymer 'Capsid protein VP3'
4 polymer 'Capsid protein VP4'
5 non-polymer SPHINGOSINE
#
loop_
_entity_poly.entity_id
_entity_poly.type
_entity_poly.pdbx_seq_one_letter_code
_entity_poly.pdbx_strand_id
1 'polypeptide(L)'
;GDRVADVIESSIGDSVSRALTHALPAPTGQDTQVSSHRLDTGKVPALQAAEIGASSNASDESMIETRCVLNSHSTAETTL
DSFFSRAGLVGEIDLPLKGTTNPNGYANWDIDITGYAQMRRKVELFTYMRFDAEFTFVACTPTGEVVPQLLQYMFVPPGA
PKPDSRESLAWQTATNPSVFVKLSDPPAQVSVPFMSPASAYQWFYDGYPTFGEHKQEKDLEYGACPNNMMGTFSVRTVGT
SKSKYPLVVRIYMRMKHVRAWIPRPMRNQNYLFKANPNYAGNSIKPTGTSRTAITTL
;
A
2 'polypeptide(L)'
;SPSAEACGYSDRVAQLTIGNSTITTQEAANIIVGYGEWPSYCSDSDATAVDKPTRPDVSVNRFYTLDTKLWEKSSKGWYW
KFPDVLTETGVFGQNAQFHYLYRSGFCIHVQCNASKFHQGALLVAVLPEYVIGTVAGGTGTEDSHPPYKQTQPGADGFEL
QHPYVLDAGIPISQLTVCPHQWINLRTNNCATIIVPYINALPFDSALNHCNFGLLVVPISPLDYDQGATPVIPITITLAP
MCSEFAGLRQAVTQ
;
B
3 'polypeptide(L)'
;GFPTELKPGTNQFLTTDDGVSAPILPNFHPTPCIHIPGEVRNLLELCQVETILEVNNVPTNATSLMERLRFPVSAQAGKG
ELCAVFRADPGRNGPWQSTLLGQLCGYYTQWSGSLEVTFMFTGSFMATGKMLIAYTPPGGPLPKDRATAMLGTHVIWDFG
LQSSVTLVIPWISNTHYRAHARDGVFDYYTTGLVSIWYQTNYVVPIGAPNTAYIIALAAAQKNFTMKLCKDASDILQTGT
IQ
;
C
4 'polypeptide(L)' MGSQVSTQRSGSHENSNSATEGSTINYTTINYYKDSYAATAGKQSLKQDPDKFANPVKDIFTEMAAPLK D
#
loop_
_chem_comp.id
_chem_comp.type
_chem_comp.name
_chem_comp.formula
SPH non-polymer SPHINGOSINE 'C18 H37 N O2'
#
# COMPACT_ATOMS: atom_id res chain seq x y z
N ASP A 2 -27.71 -37.60 5.83
CA ASP A 2 -28.19 -36.23 5.89
C ASP A 2 -29.68 -36.23 5.52
N ARG A 3 -30.54 -35.97 6.50
CA ARG A 3 -31.98 -36.06 6.29
C ARG A 3 -32.69 -34.74 6.49
N VAL A 4 -32.41 -34.02 7.58
CA VAL A 4 -33.05 -32.74 7.84
C VAL A 4 -32.73 -31.78 6.71
N ALA A 5 -33.70 -30.95 6.32
CA ALA A 5 -33.54 -30.06 5.18
C ALA A 5 -32.97 -28.73 5.64
N ASP A 6 -31.90 -28.82 6.42
CA ASP A 6 -31.07 -27.68 6.76
C ASP A 6 -29.64 -28.02 6.39
N VAL A 7 -29.32 -29.31 6.43
CA VAL A 7 -27.99 -29.78 6.06
C VAL A 7 -27.89 -29.94 4.55
N ILE A 8 -28.97 -30.39 3.91
CA ILE A 8 -28.97 -30.55 2.45
C ILE A 8 -28.82 -29.21 1.76
N GLU A 9 -29.53 -28.18 2.26
CA GLU A 9 -29.49 -26.87 1.63
C GLU A 9 -28.30 -26.03 2.09
N SER A 10 -27.51 -26.53 3.05
CA SER A 10 -26.46 -25.71 3.65
C SER A 10 -25.37 -25.38 2.64
N SER A 11 -24.79 -24.20 2.79
CA SER A 11 -23.65 -23.76 2.00
C SER A 11 -22.32 -23.98 2.71
N ILE A 12 -22.34 -24.63 3.88
CA ILE A 12 -21.10 -24.88 4.62
C ILE A 12 -20.23 -25.85 3.83
N GLY A 13 -18.93 -25.56 3.78
CA GLY A 13 -17.98 -26.41 3.10
C GLY A 13 -17.62 -25.98 1.69
N ASP A 14 -18.17 -24.87 1.21
CA ASP A 14 -17.84 -24.37 -0.13
C ASP A 14 -16.49 -23.68 -0.07
N SER A 15 -15.47 -24.31 -0.63
CA SER A 15 -14.10 -23.80 -0.56
C SER A 15 -13.69 -23.01 -1.79
N VAL A 16 -14.57 -22.84 -2.76
CA VAL A 16 -14.22 -22.11 -3.98
C VAL A 16 -14.42 -20.62 -3.75
N SER A 17 -13.46 -19.82 -4.24
CA SER A 17 -13.48 -18.38 -4.06
C SER A 17 -14.27 -17.74 -5.21
N ARG A 18 -15.29 -16.97 -4.87
CA ARG A 18 -16.03 -16.23 -5.88
C ARG A 18 -15.34 -14.91 -6.16
N ALA A 19 -14.90 -14.73 -7.41
CA ALA A 19 -14.16 -13.54 -7.82
C ALA A 19 -15.04 -12.65 -8.68
N LEU A 20 -15.17 -11.39 -8.28
CA LEU A 20 -15.98 -10.44 -9.03
C LEU A 20 -15.31 -10.03 -10.33
N THR A 21 -13.98 -10.06 -10.38
CA THR A 21 -13.21 -9.52 -11.49
C THR A 21 -12.34 -10.61 -12.11
N HIS A 22 -11.77 -10.29 -13.27
CA HIS A 22 -10.83 -11.18 -13.93
C HIS A 22 -9.82 -10.36 -14.70
N ALA A 23 -8.66 -10.99 -14.97
CA ALA A 23 -7.57 -10.32 -15.65
C ALA A 23 -7.67 -10.51 -17.16
N LEU A 24 -7.31 -9.46 -17.89
CA LEU A 24 -7.38 -9.43 -19.35
C LEU A 24 -6.03 -9.07 -19.93
N PRO A 25 -5.74 -9.53 -21.14
CA PRO A 25 -4.50 -9.11 -21.81
C PRO A 25 -4.50 -7.61 -22.06
N ALA A 26 -3.32 -7.00 -21.88
CA ALA A 26 -3.17 -5.55 -22.09
C ALA A 26 -1.70 -5.26 -22.32
N PRO A 27 -1.21 -5.47 -23.55
CA PRO A 27 0.21 -5.24 -23.82
C PRO A 27 0.54 -3.77 -24.07
N THR A 28 -0.45 -3.00 -24.51
CA THR A 28 -0.24 -1.59 -24.84
C THR A 28 -1.35 -0.75 -24.22
N GLY A 29 -1.14 0.56 -24.26
CA GLY A 29 -2.15 1.47 -23.75
C GLY A 29 -3.40 1.48 -24.62
N GLN A 30 -4.52 1.88 -24.01
CA GLN A 30 -5.79 1.86 -24.71
C GLN A 30 -5.87 2.99 -25.74
N ASP A 31 -6.57 2.72 -26.83
CA ASP A 31 -6.75 3.68 -27.91
C ASP A 31 -7.80 4.73 -27.53
N THR A 32 -7.96 5.71 -28.41
CA THR A 32 -8.96 6.75 -28.27
C THR A 32 -9.77 6.83 -29.55
N GLN A 33 -11.10 6.83 -29.41
CA GLN A 33 -11.99 6.82 -30.56
C GLN A 33 -12.61 8.20 -30.79
N VAL A 34 -13.25 8.35 -31.95
CA VAL A 34 -13.84 9.63 -32.34
C VAL A 34 -15.13 9.85 -31.56
N SER A 35 -15.30 11.07 -31.05
CA SER A 35 -16.49 11.46 -30.33
C SER A 35 -16.97 12.81 -30.81
N SER A 36 -18.28 13.05 -30.68
CA SER A 36 -18.87 14.30 -31.11
C SER A 36 -19.64 14.94 -29.97
N HIS A 37 -20.37 16.02 -30.25
CA HIS A 37 -21.09 16.72 -29.21
C HIS A 37 -22.35 15.96 -28.80
N ARG A 38 -22.78 16.18 -27.56
CA ARG A 38 -23.98 15.56 -27.03
C ARG A 38 -24.78 16.59 -26.27
N LEU A 39 -26.10 16.57 -26.49
CA LEU A 39 -27.04 17.47 -25.81
C LEU A 39 -28.27 16.64 -25.45
N ASP A 40 -28.27 16.10 -24.23
CA ASP A 40 -29.30 15.16 -23.81
C ASP A 40 -29.55 15.29 -22.32
N THR A 41 -30.69 14.75 -21.88
CA THR A 41 -31.06 14.71 -20.48
C THR A 41 -31.09 13.27 -20.00
N GLY A 42 -30.53 13.04 -18.82
CA GLY A 42 -30.51 11.72 -18.21
C GLY A 42 -29.17 11.01 -18.26
N LYS A 43 -28.25 11.46 -19.10
CA LYS A 43 -26.92 10.87 -19.20
C LYS A 43 -25.90 11.90 -18.68
N VAL A 44 -25.28 11.57 -17.54
CA VAL A 44 -24.31 12.48 -16.92
C VAL A 44 -23.04 11.72 -16.57
N PRO A 45 -22.14 11.49 -17.53
CA PRO A 45 -20.87 10.85 -17.20
C PRO A 45 -20.00 11.65 -16.26
N ALA A 46 -20.17 12.98 -16.22
CA ALA A 46 -19.29 13.81 -15.40
C ALA A 46 -19.64 13.72 -13.93
N LEU A 47 -20.93 13.63 -13.60
CA LEU A 47 -21.34 13.62 -12.20
C LEU A 47 -21.06 12.26 -11.58
N GLN A 48 -20.32 12.27 -10.47
CA GLN A 48 -19.87 11.04 -9.81
C GLN A 48 -20.28 11.08 -8.34
N ALA A 49 -20.02 9.97 -7.64
CA ALA A 49 -20.31 9.86 -6.22
C ALA A 49 -19.13 9.13 -5.58
N ALA A 50 -18.21 9.89 -5.00
CA ALA A 50 -17.01 9.32 -4.41
C ALA A 50 -17.24 8.65 -3.07
N GLU A 51 -18.42 8.83 -2.46
CA GLU A 51 -18.71 8.20 -1.19
C GLU A 51 -18.86 6.69 -1.33
N ILE A 52 -19.05 6.18 -2.55
CA ILE A 52 -19.17 4.74 -2.75
C ILE A 52 -17.87 4.03 -2.42
N GLY A 53 -16.73 4.65 -2.71
CA GLY A 53 -15.45 4.03 -2.51
C GLY A 53 -14.78 3.51 -3.75
N ALA A 54 -15.29 3.84 -4.93
CA ALA A 54 -14.72 3.41 -6.19
C ALA A 54 -14.22 4.63 -6.96
N SER A 55 -13.37 4.37 -7.95
CA SER A 55 -12.78 5.44 -8.75
C SER A 55 -13.74 5.90 -9.83
N SER A 56 -13.45 7.07 -10.39
CA SER A 56 -14.28 7.65 -11.43
C SER A 56 -14.19 6.82 -12.71
N ASN A 57 -15.33 6.64 -13.37
CA ASN A 57 -15.40 5.87 -14.61
C ASN A 57 -15.56 6.75 -15.85
N ALA A 58 -15.46 8.07 -15.71
CA ALA A 58 -15.51 8.96 -16.85
C ALA A 58 -14.27 8.79 -17.72
N SER A 59 -14.45 9.00 -19.02
CA SER A 59 -13.39 8.82 -20.01
C SER A 59 -13.17 10.10 -20.80
N ASP A 60 -12.19 10.05 -21.71
CA ASP A 60 -11.90 11.19 -22.56
C ASP A 60 -13.07 11.51 -23.49
N GLU A 61 -13.69 10.48 -24.06
CA GLU A 61 -14.71 10.69 -25.09
C GLU A 61 -15.97 11.30 -24.51
N SER A 62 -16.24 11.11 -23.22
CA SER A 62 -17.47 11.62 -22.64
C SER A 62 -17.42 13.12 -22.41
N MET A 63 -16.24 13.66 -22.13
CA MET A 63 -16.13 15.03 -21.66
C MET A 63 -15.80 16.03 -22.77
N ILE A 64 -14.94 15.66 -23.71
CA ILE A 64 -14.53 16.54 -24.79
C ILE A 64 -14.63 15.79 -26.10
N GLU A 65 -14.57 16.54 -27.21
CA GLU A 65 -14.53 15.95 -28.54
C GLU A 65 -13.11 15.54 -28.87
N THR A 66 -12.93 14.28 -29.25
CA THR A 66 -11.62 13.70 -29.47
C THR A 66 -11.48 13.19 -30.90
N ARG A 67 -10.24 12.80 -31.23
CA ARG A 67 -9.90 12.23 -32.52
C ARG A 67 -9.44 10.79 -32.33
N CYS A 68 -9.35 10.06 -33.44
CA CYS A 68 -8.93 8.67 -33.39
C CYS A 68 -7.42 8.58 -33.28
N VAL A 69 -6.93 8.01 -32.18
CA VAL A 69 -5.50 7.86 -31.94
C VAL A 69 -5.21 6.39 -31.67
N LEU A 70 -4.21 5.85 -32.36
CA LEU A 70 -3.78 4.47 -32.15
C LEU A 70 -2.57 4.47 -31.23
N ASN A 71 -2.72 3.85 -30.06
CA ASN A 71 -1.69 3.87 -29.03
C ASN A 71 -0.91 2.56 -29.11
N SER A 72 0.41 2.67 -29.31
CA SER A 72 1.29 1.52 -29.37
C SER A 72 2.35 1.54 -28.28
N HIS A 73 2.16 2.35 -27.24
CA HIS A 73 3.13 2.40 -26.15
C HIS A 73 3.02 1.14 -25.30
N SER A 74 4.17 0.56 -24.98
CA SER A 74 4.23 -0.72 -24.28
C SER A 74 4.13 -0.52 -22.77
N THR A 75 3.56 -1.53 -22.10
CA THR A 75 3.44 -1.54 -20.65
C THR A 75 4.34 -2.58 -20.00
N ALA A 76 5.44 -2.95 -20.65
CA ALA A 76 6.27 -4.04 -20.17
C ALA A 76 7.33 -3.60 -19.17
N GLU A 77 7.49 -2.30 -18.93
CA GLU A 77 8.50 -1.84 -18.00
C GLU A 77 7.96 -1.64 -16.59
N THR A 78 6.66 -1.78 -16.38
CA THR A 78 6.05 -1.57 -15.07
C THR A 78 5.67 -2.88 -14.38
N THR A 79 6.13 -4.02 -14.90
CA THR A 79 5.87 -5.28 -14.23
C THR A 79 6.74 -5.40 -12.98
N LEU A 80 6.49 -6.46 -12.20
CA LEU A 80 7.21 -6.63 -10.94
C LEU A 80 8.64 -7.08 -11.19
N ASP A 81 8.86 -7.98 -12.16
CA ASP A 81 10.22 -8.39 -12.48
C ASP A 81 11.02 -7.27 -13.12
N SER A 82 10.36 -6.38 -13.87
CA SER A 82 11.08 -5.25 -14.43
C SER A 82 11.36 -4.19 -13.38
N PHE A 83 10.59 -4.19 -12.29
CA PHE A 83 10.76 -3.19 -11.24
C PHE A 83 11.74 -3.63 -10.16
N PHE A 84 11.85 -4.93 -9.90
CA PHE A 84 12.61 -5.42 -8.76
C PHE A 84 13.91 -6.12 -9.10
N SER A 85 14.12 -6.55 -10.34
CA SER A 85 15.32 -7.28 -10.72
C SER A 85 16.47 -6.32 -11.03
N ARG A 86 16.82 -5.51 -10.02
CA ARG A 86 17.94 -4.60 -10.11
C ARG A 86 18.69 -4.65 -8.77
N ALA A 87 19.98 -4.96 -8.83
CA ALA A 87 20.75 -5.18 -7.62
C ALA A 87 20.94 -3.89 -6.84
N GLY A 88 20.90 -4.01 -5.51
CA GLY A 88 21.12 -2.87 -4.63
C GLY A 88 21.82 -3.30 -3.37
N LEU A 89 22.46 -2.35 -2.72
CA LEU A 89 23.24 -2.63 -1.52
C LEU A 89 22.31 -3.02 -0.37
N VAL A 90 22.60 -4.13 0.28
CA VAL A 90 21.79 -4.61 1.40
C VAL A 90 22.59 -4.82 2.68
N GLY A 91 23.92 -4.82 2.62
CA GLY A 91 24.72 -5.03 3.81
C GLY A 91 26.16 -4.66 3.58
N GLU A 92 26.90 -4.57 4.68
CA GLU A 92 28.31 -4.21 4.62
C GLU A 92 29.01 -4.75 5.85
N ILE A 93 30.18 -5.35 5.66
CA ILE A 93 30.95 -5.98 6.72
C ILE A 93 32.36 -5.42 6.70
N ASP A 94 32.86 -5.04 7.87
CA ASP A 94 34.18 -4.44 8.01
C ASP A 94 35.06 -5.31 8.89
N LEU A 95 36.29 -5.53 8.45
CA LEU A 95 37.24 -6.42 9.10
C LEU A 95 38.56 -5.69 9.30
N PRO A 96 38.66 -4.85 10.33
CA PRO A 96 39.85 -4.02 10.51
C PRO A 96 40.99 -4.76 11.21
N LEU A 97 42.17 -4.16 11.12
CA LEU A 97 43.34 -4.71 11.81
C LEU A 97 43.30 -4.40 13.30
N LYS A 98 43.18 -3.12 13.65
CA LYS A 98 43.00 -2.68 15.03
C LYS A 98 41.66 -1.97 15.13
N GLY A 99 40.88 -2.34 16.13
CA GLY A 99 39.56 -1.77 16.28
C GLY A 99 38.80 -2.48 17.38
N THR A 100 37.51 -2.14 17.48
CA THR A 100 36.65 -2.72 18.50
C THR A 100 35.53 -3.59 17.93
N THR A 101 35.23 -3.48 16.64
CA THR A 101 34.09 -4.20 16.08
C THR A 101 34.44 -5.66 15.77
N ASN A 102 35.35 -5.87 14.83
CA ASN A 102 35.76 -7.22 14.42
C ASN A 102 37.28 -7.28 14.30
N PRO A 103 37.99 -7.21 15.43
CA PRO A 103 39.46 -7.20 15.36
C PRO A 103 40.08 -8.57 15.25
N ASN A 104 39.32 -9.65 15.42
CA ASN A 104 39.88 -10.99 15.47
C ASN A 104 39.92 -11.70 14.13
N GLY A 105 39.41 -11.08 13.07
CA GLY A 105 39.49 -11.65 11.74
C GLY A 105 38.26 -12.40 11.26
N TYR A 106 37.15 -12.34 11.98
CA TYR A 106 35.91 -12.98 11.54
C TYR A 106 34.75 -12.06 11.88
N ALA A 107 33.63 -12.25 11.19
CA ALA A 107 32.44 -11.45 11.42
C ALA A 107 31.20 -12.28 11.12
N ASN A 108 30.08 -11.88 11.73
CA ASN A 108 28.78 -12.52 11.51
C ASN A 108 27.77 -11.44 11.17
N TRP A 109 26.96 -11.69 10.15
CA TRP A 109 25.95 -10.75 9.69
C TRP A 109 24.61 -11.46 9.59
N ASP A 110 23.60 -10.91 10.27
CA ASP A 110 22.26 -11.46 10.19
C ASP A 110 21.57 -10.98 8.92
N ILE A 111 21.01 -11.91 8.17
CA ILE A 111 20.43 -11.58 6.86
C ILE A 111 19.20 -10.71 7.06
N ASP A 112 19.25 -9.49 6.53
CA ASP A 112 18.13 -8.56 6.59
C ASP A 112 18.22 -7.60 5.43
N ILE A 113 17.06 -7.02 5.07
CA ILE A 113 16.99 -6.04 3.98
C ILE A 113 16.77 -4.63 4.51
N THR A 114 16.30 -4.49 5.75
CA THR A 114 15.89 -3.21 6.32
C THR A 114 17.06 -2.34 6.76
N GLY A 115 18.29 -2.65 6.34
CA GLY A 115 19.43 -1.87 6.78
C GLY A 115 19.65 -0.60 6.01
N TYR A 116 19.18 -0.54 4.77
CA TYR A 116 19.39 0.62 3.91
C TYR A 116 18.06 1.06 3.31
N ALA A 117 17.88 2.37 3.20
CA ALA A 117 16.56 2.94 2.94
C ALA A 117 16.11 2.76 1.49
N GLN A 118 17.03 2.79 0.54
CA GLN A 118 16.62 2.80 -0.87
C GLN A 118 15.89 1.52 -1.26
N MET A 119 16.39 0.36 -0.82
CA MET A 119 15.70 -0.89 -1.12
C MET A 119 14.57 -1.16 -0.14
N ARG A 120 14.70 -0.68 1.10
CA ARG A 120 13.65 -0.89 2.10
C ARG A 120 12.36 -0.21 1.68
N ARG A 121 12.46 1.03 1.18
CA ARG A 121 11.26 1.75 0.76
C ARG A 121 10.59 1.07 -0.42
N LYS A 122 11.38 0.48 -1.33
CA LYS A 122 10.80 -0.24 -2.45
C LYS A 122 10.09 -1.51 -1.99
N VAL A 123 10.73 -2.28 -1.11
CA VAL A 123 10.15 -3.55 -0.72
C VAL A 123 8.94 -3.36 0.20
N GLU A 124 8.88 -2.26 0.94
CA GLU A 124 7.78 -2.05 1.86
C GLU A 124 6.57 -1.37 1.21
N LEU A 125 6.44 -1.46 -0.11
CA LEU A 125 5.21 -1.04 -0.77
C LEU A 125 4.12 -2.10 -0.66
N PHE A 126 4.49 -3.37 -0.49
CA PHE A 126 3.57 -4.46 -0.37
C PHE A 126 3.67 -5.07 1.02
N THR A 127 2.71 -5.95 1.34
CA THR A 127 2.71 -6.63 2.62
C THR A 127 3.34 -8.01 2.55
N TYR A 128 3.08 -8.76 1.48
CA TYR A 128 3.64 -10.09 1.28
C TYR A 128 4.42 -10.13 -0.02
N MET A 129 5.51 -10.88 -0.03
CA MET A 129 6.39 -10.94 -1.19
C MET A 129 7.05 -12.30 -1.24
N ARG A 130 7.20 -12.83 -2.45
CA ARG A 130 7.73 -14.17 -2.67
C ARG A 130 8.66 -14.12 -3.88
N PHE A 131 9.92 -14.50 -3.68
CA PHE A 131 10.92 -14.30 -4.73
C PHE A 131 12.12 -15.21 -4.48
N ASP A 132 12.95 -15.35 -5.51
CA ASP A 132 14.29 -15.89 -5.40
C ASP A 132 15.29 -14.74 -5.27
N ALA A 133 16.52 -15.08 -4.91
CA ALA A 133 17.54 -14.08 -4.64
C ALA A 133 18.81 -14.36 -5.43
N GLU A 134 19.71 -13.38 -5.42
CA GLU A 134 21.00 -13.48 -6.09
C GLU A 134 21.96 -12.54 -5.39
N PHE A 135 22.90 -13.09 -4.62
CA PHE A 135 23.79 -12.31 -3.78
C PHE A 135 25.16 -12.20 -4.42
N THR A 136 25.70 -10.99 -4.48
CA THR A 136 27.04 -10.74 -5.02
C THR A 136 27.87 -10.04 -3.96
N PHE A 137 29.09 -10.53 -3.76
CA PHE A 137 29.98 -10.05 -2.70
C PHE A 137 31.17 -9.35 -3.33
N VAL A 138 31.31 -8.06 -3.05
CA VAL A 138 32.41 -7.23 -3.56
C VAL A 138 33.35 -6.95 -2.40
N ALA A 139 34.61 -7.35 -2.53
CA ALA A 139 35.59 -7.24 -1.47
C ALA A 139 36.77 -6.37 -1.93
N CYS A 140 37.28 -5.56 -1.02
CA CYS A 140 38.40 -4.67 -1.29
C CYS A 140 38.89 -4.12 0.05
N THR A 141 39.87 -3.23 -0.03
CA THR A 141 40.41 -2.54 1.14
C THR A 141 39.63 -1.26 1.39
N PRO A 142 39.87 -0.59 2.52
CA PRO A 142 39.18 0.70 2.76
C PRO A 142 39.42 1.73 1.69
N THR A 143 40.59 1.74 1.04
CA THR A 143 40.87 2.68 -0.03
C THR A 143 40.47 2.17 -1.41
N GLY A 144 40.03 0.93 -1.53
CA GLY A 144 39.63 0.36 -2.79
C GLY A 144 40.67 -0.53 -3.45
N GLU A 145 41.89 -0.57 -2.93
CA GLU A 145 42.96 -1.37 -3.51
C GLU A 145 42.67 -2.86 -3.38
N VAL A 146 43.06 -3.61 -4.40
CA VAL A 146 42.91 -5.06 -4.43
C VAL A 146 44.23 -5.70 -4.04
N VAL A 147 44.19 -6.63 -3.10
CA VAL A 147 45.40 -7.25 -2.55
C VAL A 147 45.23 -8.76 -2.53
N PRO A 148 46.32 -9.55 -2.60
CA PRO A 148 46.19 -11.00 -2.61
C PRO A 148 45.81 -11.52 -1.22
N GLN A 149 44.65 -12.18 -1.14
CA GLN A 149 44.14 -12.68 0.13
C GLN A 149 43.05 -13.70 -0.14
N LEU A 150 42.95 -14.70 0.73
CA LEU A 150 41.94 -15.74 0.64
C LEU A 150 40.86 -15.49 1.68
N LEU A 151 39.60 -15.55 1.26
CA LEU A 151 38.45 -15.34 2.11
C LEU A 151 37.53 -16.55 2.04
N GLN A 152 36.73 -16.73 3.09
CA GLN A 152 35.72 -17.79 3.14
C GLN A 152 34.40 -17.21 3.60
N TYR A 153 33.34 -17.52 2.87
CA TYR A 153 31.98 -17.17 3.26
C TYR A 153 31.20 -18.44 3.55
N MET A 154 30.56 -18.50 4.71
CA MET A 154 29.73 -19.64 5.08
C MET A 154 28.31 -19.18 5.37
N PHE A 155 27.34 -19.93 4.89
CA PHE A 155 25.93 -19.67 5.14
C PHE A 155 25.47 -20.57 6.28
N VAL A 156 24.98 -19.97 7.35
CA VAL A 156 24.61 -20.71 8.55
C VAL A 156 23.10 -20.67 8.74
N PRO A 157 22.38 -21.74 8.42
CA PRO A 157 20.93 -21.76 8.62
C PRO A 157 20.60 -21.69 10.11
N PRO A 158 19.41 -21.21 10.46
CA PRO A 158 19.07 -21.10 11.89
C PRO A 158 19.11 -22.45 12.58
N GLY A 159 19.63 -22.45 13.80
CA GLY A 159 19.83 -23.66 14.58
C GLY A 159 21.22 -24.23 14.50
N ALA A 160 21.99 -23.88 13.47
CA ALA A 160 23.35 -24.36 13.33
C ALA A 160 24.30 -23.57 14.24
N PRO A 161 25.40 -24.18 14.69
CA PRO A 161 26.31 -23.48 15.59
C PRO A 161 27.15 -22.45 14.84
N LYS A 162 27.09 -21.21 15.30
CA LYS A 162 27.81 -20.06 14.73
C LYS A 162 29.26 -20.08 15.18
N PRO A 163 30.19 -19.80 14.27
CA PRO A 163 31.61 -19.78 14.64
C PRO A 163 31.91 -18.69 15.66
N ASP A 164 32.85 -18.98 16.55
CA ASP A 164 33.23 -18.06 17.61
C ASP A 164 34.67 -17.59 17.52
N SER A 165 35.43 -18.03 16.53
CA SER A 165 36.82 -17.60 16.35
C SER A 165 37.24 -17.89 14.92
N ARG A 166 38.42 -17.40 14.57
CA ARG A 166 38.96 -17.65 13.23
C ARG A 166 39.34 -19.12 13.05
N GLU A 167 39.66 -19.82 14.13
CA GLU A 167 40.05 -21.22 14.08
C GLU A 167 38.98 -22.14 14.66
N SER A 168 37.71 -21.76 14.56
CA SER A 168 36.64 -22.56 15.13
C SER A 168 36.48 -23.87 14.38
N LEU A 169 36.00 -24.89 15.08
CA LEU A 169 35.75 -26.18 14.46
C LEU A 169 34.57 -26.15 13.51
N ALA A 170 33.76 -25.08 13.55
CA ALA A 170 32.60 -24.98 12.67
C ALA A 170 32.98 -24.65 11.24
N TRP A 171 34.23 -24.29 10.99
CA TRP A 171 34.70 -23.93 9.65
C TRP A 171 35.02 -25.15 8.80
N GLN A 172 34.78 -26.36 9.31
CA GLN A 172 34.94 -27.56 8.50
C GLN A 172 33.87 -27.69 7.42
N THR A 173 32.78 -26.92 7.54
CA THR A 173 31.71 -26.79 6.54
C THR A 173 31.39 -28.13 5.85
N ALA A 174 31.22 -29.17 6.66
CA ALA A 174 30.88 -30.47 6.11
C ALA A 174 29.46 -30.50 5.57
N THR A 175 28.57 -29.67 6.11
CA THR A 175 27.18 -29.61 5.68
C THR A 175 26.78 -28.25 5.12
N ASN A 176 27.11 -27.17 5.83
CA ASN A 176 26.73 -25.84 5.35
C ASN A 176 27.47 -25.50 4.07
N PRO A 177 26.81 -24.87 3.10
CA PRO A 177 27.53 -24.41 1.90
C PRO A 177 28.53 -23.32 2.24
N SER A 178 29.65 -23.33 1.52
CA SER A 178 30.71 -22.37 1.77
C SER A 178 31.38 -22.02 0.46
N VAL A 179 32.04 -20.86 0.43
CA VAL A 179 32.69 -20.35 -0.76
C VAL A 179 34.10 -19.90 -0.39
N PHE A 180 35.08 -20.35 -1.17
CA PHE A 180 36.46 -19.89 -1.05
C PHE A 180 36.78 -19.05 -2.28
N VAL A 181 37.20 -17.80 -2.06
CA VAL A 181 37.42 -16.86 -3.16
C VAL A 181 38.57 -15.95 -2.80
N LYS A 182 39.26 -15.46 -3.83
CA LYS A 182 40.36 -14.53 -3.69
C LYS A 182 39.88 -13.10 -3.94
N LEU A 183 40.70 -12.14 -3.53
CA LEU A 183 40.39 -10.74 -3.80
C LEU A 183 40.80 -10.32 -5.20
N SER A 184 41.59 -11.14 -5.90
CA SER A 184 41.95 -10.84 -7.28
C SER A 184 40.93 -11.40 -8.28
N ASP A 185 40.01 -12.23 -7.82
CA ASP A 185 38.97 -12.76 -8.69
C ASP A 185 37.83 -11.76 -8.83
N PRO A 186 37.03 -11.87 -9.88
CA PRO A 186 35.78 -11.10 -9.95
C PRO A 186 34.88 -11.44 -8.79
N PRO A 187 33.95 -10.55 -8.43
CA PRO A 187 33.11 -10.82 -7.25
C PRO A 187 32.32 -12.11 -7.39
N ALA A 188 32.21 -12.83 -6.27
CA ALA A 188 31.46 -14.07 -6.24
C ALA A 188 29.97 -13.81 -6.18
N GLN A 189 29.20 -14.70 -6.81
CA GLN A 189 27.75 -14.57 -6.78
C GLN A 189 27.11 -15.94 -6.89
N VAL A 190 25.98 -16.11 -6.21
CA VAL A 190 25.29 -17.39 -6.09
C VAL A 190 23.79 -17.15 -6.19
N SER A 191 23.03 -18.24 -6.14
CA SER A 191 21.58 -18.22 -6.21
C SER A 191 20.97 -18.73 -4.91
N VAL A 192 19.85 -18.14 -4.54
CA VAL A 192 19.19 -18.47 -3.26
C VAL A 192 17.71 -18.77 -3.52
N PRO A 193 17.18 -19.86 -2.97
CA PRO A 193 15.76 -20.16 -3.16
C PRO A 193 14.85 -19.44 -2.16
N PHE A 194 13.56 -19.77 -2.18
CA PHE A 194 12.59 -19.26 -1.22
C PHE A 194 12.51 -20.25 -0.06
N MET A 195 12.96 -19.82 1.13
CA MET A 195 13.13 -20.71 2.27
C MET A 195 12.13 -20.50 3.40
N SER A 196 11.17 -19.60 3.24
CA SER A 196 10.28 -19.30 4.35
C SER A 196 9.38 -20.50 4.65
N PRO A 197 9.11 -20.81 5.91
CA PRO A 197 8.11 -21.84 6.23
C PRO A 197 6.69 -21.44 5.81
N ALA A 198 6.44 -20.15 5.63
CA ALA A 198 5.14 -19.66 5.15
C ALA A 198 5.13 -19.69 3.63
N SER A 199 4.09 -19.10 3.03
CA SER A 199 4.01 -19.01 1.58
C SER A 199 4.57 -17.70 1.03
N ALA A 200 5.01 -16.79 1.89
CA ALA A 200 5.54 -15.51 1.45
C ALA A 200 6.19 -14.80 2.62
N TYR A 201 7.25 -14.04 2.34
CA TYR A 201 7.82 -13.16 3.33
C TYR A 201 6.86 -12.01 3.61
N GLN A 202 6.78 -11.59 4.87
CA GLN A 202 5.97 -10.44 5.25
C GLN A 202 6.85 -9.44 5.98
N TRP A 203 6.76 -8.17 5.58
CA TRP A 203 7.57 -7.12 6.17
C TRP A 203 6.92 -6.49 7.40
N PHE A 204 5.61 -6.70 7.58
CA PHE A 204 4.88 -6.19 8.73
C PHE A 204 4.14 -7.34 9.40
N TYR A 205 4.38 -7.53 10.69
CA TYR A 205 3.72 -8.57 11.47
C TYR A 205 3.09 -7.91 12.69
N ASP A 206 1.76 -7.88 12.74
CA ASP A 206 1.03 -7.24 13.83
C ASP A 206 0.72 -8.29 14.87
N GLY A 207 1.65 -8.50 15.79
CA GLY A 207 1.43 -9.46 16.85
C GLY A 207 2.72 -9.81 17.55
N TYR A 208 2.59 -10.68 18.55
CA TYR A 208 3.67 -11.18 19.37
C TYR A 208 3.98 -12.63 19.04
N PRO A 209 5.25 -13.05 19.11
CA PRO A 209 5.60 -14.42 18.75
C PRO A 209 5.45 -15.44 19.85
N THR A 210 5.36 -15.02 21.11
CA THR A 210 5.30 -15.94 22.24
C THR A 210 3.98 -15.80 22.97
N PHE A 211 3.56 -16.89 23.59
CA PHE A 211 2.34 -16.92 24.39
C PHE A 211 2.62 -16.39 25.80
N GLY A 212 1.55 -16.03 26.49
CA GLY A 212 1.63 -15.53 27.84
C GLY A 212 1.42 -14.03 27.90
N GLU A 213 1.60 -13.48 29.10
CA GLU A 213 1.41 -12.05 29.31
C GLU A 213 2.48 -11.25 28.57
N HIS A 214 2.06 -10.16 27.94
CA HIS A 214 2.96 -9.27 27.21
C HIS A 214 3.17 -8.02 28.06
N LYS A 215 4.27 -8.00 28.80
CA LYS A 215 4.57 -6.92 29.73
C LYS A 215 5.39 -5.84 29.01
N GLN A 216 5.91 -4.86 29.75
CA GLN A 216 6.69 -3.78 29.18
C GLN A 216 8.16 -4.14 29.00
N GLU A 217 8.65 -5.14 29.72
CA GLU A 217 10.04 -5.59 29.58
C GLU A 217 10.17 -6.67 28.51
N LYS A 218 9.06 -7.05 27.88
CA LYS A 218 9.05 -7.99 26.77
C LYS A 218 8.51 -7.30 25.52
N ASP A 219 8.64 -5.98 25.47
CA ASP A 219 8.10 -5.17 24.39
C ASP A 219 8.98 -5.20 23.14
N LEU A 220 10.21 -5.69 23.24
CA LEU A 220 11.09 -5.80 22.09
C LEU A 220 10.77 -7.02 21.23
N GLU A 221 9.74 -7.79 21.59
CA GLU A 221 9.29 -8.92 20.80
C GLU A 221 8.11 -8.59 19.90
N TYR A 222 7.49 -7.42 20.08
CA TYR A 222 6.35 -7.03 19.25
C TYR A 222 6.80 -6.81 17.81
N GLY A 223 6.03 -7.34 16.87
CA GLY A 223 6.32 -7.16 15.46
C GLY A 223 7.40 -8.05 14.89
N ALA A 224 7.97 -8.94 15.71
CA ALA A 224 9.05 -9.82 15.26
C ALA A 224 8.44 -11.11 14.69
N CYS A 225 8.71 -11.37 13.42
CA CYS A 225 8.18 -12.55 12.75
C CYS A 225 9.28 -13.58 12.58
N PRO A 226 9.19 -14.74 13.24
CA PRO A 226 10.25 -15.75 13.10
C PRO A 226 10.40 -16.30 11.71
N ASN A 227 9.36 -16.19 10.86
CA ASN A 227 9.42 -16.76 9.52
C ASN A 227 10.33 -15.99 8.58
N ASN A 228 10.81 -14.81 8.98
CA ASN A 228 11.70 -14.01 8.16
C ASN A 228 13.17 -14.17 8.54
N MET A 229 13.46 -14.84 9.64
CA MET A 229 14.84 -15.03 10.12
C MET A 229 15.43 -16.22 9.39
N MET A 230 16.23 -15.94 8.36
CA MET A 230 16.72 -16.98 7.47
C MET A 230 18.11 -17.50 7.83
N GLY A 231 18.76 -16.91 8.81
CA GLY A 231 20.03 -17.46 9.26
C GLY A 231 21.06 -16.36 9.48
N THR A 232 22.32 -16.71 9.19
CA THR A 232 23.45 -15.83 9.44
C THR A 232 24.49 -16.04 8.36
N PHE A 233 25.11 -14.95 7.92
CA PHE A 233 26.18 -14.98 6.94
C PHE A 233 27.50 -14.70 7.66
N SER A 234 28.46 -15.61 7.53
CA SER A 234 29.72 -15.54 8.26
C SER A 234 30.88 -15.45 7.29
N VAL A 235 31.93 -14.73 7.71
CA VAL A 235 33.08 -14.46 6.86
C VAL A 235 34.34 -14.46 7.72
N ARG A 236 35.44 -14.96 7.14
CA ARG A 236 36.73 -15.00 7.82
C ARG A 236 37.84 -15.01 6.79
N THR A 237 39.05 -14.69 7.24
CA THR A 237 40.24 -14.82 6.41
C THR A 237 40.88 -16.17 6.69
N VAL A 238 41.06 -16.97 5.65
CA VAL A 238 41.50 -18.35 5.82
C VAL A 238 42.97 -18.39 6.22
N GLY A 239 43.22 -18.65 7.50
CA GLY A 239 44.59 -18.74 7.99
C GLY A 239 44.59 -18.96 9.48
N THR A 240 45.80 -19.10 10.01
CA THR A 240 46.02 -19.25 11.45
C THR A 240 46.53 -17.99 12.11
N SER A 241 47.40 -17.24 11.42
CA SER A 241 47.87 -15.96 11.92
C SER A 241 46.99 -14.83 11.38
N LYS A 242 47.14 -13.65 11.98
CA LYS A 242 46.35 -12.51 11.57
C LYS A 242 46.77 -12.02 10.19
N SER A 243 45.81 -11.49 9.44
CA SER A 243 46.05 -11.04 8.08
C SER A 243 46.90 -9.78 8.07
N LYS A 244 47.34 -9.40 6.88
CA LYS A 244 48.21 -8.25 6.69
C LYS A 244 47.46 -6.98 6.28
N TYR A 245 46.24 -7.11 5.77
CA TYR A 245 45.52 -5.96 5.23
C TYR A 245 44.14 -5.87 5.85
N PRO A 246 43.61 -4.64 6.00
CA PRO A 246 42.21 -4.49 6.37
C PRO A 246 41.31 -4.74 5.16
N LEU A 247 40.09 -5.17 5.43
CA LEU A 247 39.18 -5.57 4.38
C LEU A 247 37.78 -5.02 4.64
N VAL A 248 37.04 -4.80 3.55
CA VAL A 248 35.64 -4.40 3.59
C VAL A 248 34.88 -5.26 2.59
N VAL A 249 33.68 -5.71 2.98
CA VAL A 249 32.86 -6.56 2.14
C VAL A 249 31.50 -5.90 1.96
N ARG A 250 31.02 -5.84 0.71
CA ARG A 250 29.73 -5.26 0.39
C ARG A 250 28.87 -6.31 -0.31
N ILE A 251 27.59 -6.38 0.08
CA ILE A 251 26.67 -7.38 -0.41
C ILE A 251 25.57 -6.68 -1.23
N TYR A 252 25.30 -7.19 -2.42
CA TYR A 252 24.23 -6.72 -3.28
C TYR A 252 23.31 -7.89 -3.60
N MET A 253 22.00 -7.64 -3.58
CA MET A 253 21.02 -8.69 -3.80
C MET A 253 20.00 -8.25 -4.83
N ARG A 254 19.67 -9.16 -5.76
CA ARG A 254 18.74 -8.91 -6.84
C ARG A 254 17.66 -9.98 -6.84
N MET A 255 16.40 -9.55 -6.87
CA MET A 255 15.29 -10.48 -6.86
C MET A 255 14.99 -11.00 -8.26
N LYS A 256 14.39 -12.18 -8.32
CA LYS A 256 13.85 -12.73 -9.54
C LYS A 256 12.70 -13.65 -9.19
N HIS A 257 11.81 -13.85 -10.17
CA HIS A 257 10.60 -14.67 -9.98
C HIS A 257 9.74 -14.09 -8.85
N VAL A 258 9.30 -12.85 -9.05
CA VAL A 258 8.74 -12.02 -7.99
C VAL A 258 7.21 -12.07 -8.03
N ARG A 259 6.60 -12.21 -6.85
CA ARG A 259 5.17 -12.07 -6.66
C ARG A 259 4.93 -11.18 -5.44
N ALA A 260 3.81 -10.46 -5.46
CA ALA A 260 3.52 -9.50 -4.41
C ALA A 260 2.03 -9.40 -4.18
N TRP A 261 1.65 -8.95 -2.99
CA TRP A 261 0.25 -8.86 -2.59
C TRP A 261 0.02 -7.62 -1.75
N ILE A 262 -1.23 -7.12 -1.79
CA ILE A 262 -1.76 -6.16 -0.82
C ILE A 262 -0.89 -4.91 -0.70
N PRO A 263 -0.95 -3.99 -1.65
CA PRO A 263 -0.16 -2.76 -1.55
C PRO A 263 -0.61 -1.88 -0.39
N ARG A 264 0.31 -1.06 0.09
CA ARG A 264 0.07 -0.15 1.21
C ARG A 264 0.77 1.18 0.96
N PRO A 265 0.42 2.25 1.67
CA PRO A 265 1.08 3.54 1.45
C PRO A 265 2.58 3.47 1.66
N MET A 266 3.32 4.23 0.85
CA MET A 266 4.77 4.27 0.92
C MET A 266 5.22 5.08 2.14
N ARG A 267 6.45 4.83 2.57
CA ARG A 267 6.98 5.50 3.75
C ARG A 267 7.06 7.01 3.53
N ASN A 268 6.80 7.76 4.58
CA ASN A 268 6.78 9.22 4.55
C ASN A 268 7.91 9.86 5.33
N GLN A 269 8.27 9.32 6.48
CA GLN A 269 9.27 9.91 7.36
C GLN A 269 10.59 9.17 7.24
N ASN A 270 11.59 9.68 7.95
CA ASN A 270 12.91 9.07 7.95
C ASN A 270 12.91 7.79 8.76
N TYR A 271 13.76 6.85 8.35
CA TYR A 271 13.91 5.59 9.06
C TYR A 271 14.88 5.75 10.23
N LEU A 272 14.58 5.05 11.32
CA LEU A 272 15.38 5.14 12.54
C LEU A 272 16.00 3.81 12.93
N PHE A 273 15.23 2.73 12.95
CA PHE A 273 15.71 1.43 13.38
C PHE A 273 15.25 0.36 12.39
N LYS A 274 16.02 -0.72 12.32
CA LYS A 274 15.64 -1.85 11.48
C LYS A 274 14.49 -2.62 12.13
N ALA A 275 13.55 -3.07 11.31
CA ALA A 275 12.37 -3.80 11.76
C ALA A 275 11.63 -3.01 12.84
N ASN A 276 11.42 -1.72 12.56
CA ASN A 276 10.73 -0.84 13.49
C ASN A 276 10.14 0.35 12.73
N PRO A 277 8.83 0.58 12.83
CA PRO A 277 8.23 1.73 12.14
C PRO A 277 8.36 3.03 12.91
N ASN A 278 9.28 3.08 13.87
CA ASN A 278 9.44 4.27 14.71
C ASN A 278 9.82 5.49 13.87
N TYR A 279 9.37 6.65 14.32
CA TYR A 279 9.65 7.92 13.65
C TYR A 279 9.92 8.99 14.70
N ALA A 280 10.53 10.08 14.26
CA ALA A 280 10.86 11.17 15.17
C ALA A 280 9.62 12.00 15.47
N GLY A 281 9.23 12.06 16.74
CA GLY A 281 7.99 12.73 17.09
C GLY A 281 8.02 14.24 16.92
N ASN A 282 9.14 14.87 17.32
CA ASN A 282 9.18 16.33 17.32
C ASN A 282 9.20 16.89 15.90
N SER A 283 9.94 16.26 15.00
CA SER A 283 10.11 16.76 13.64
C SER A 283 9.31 15.86 12.69
N ILE A 284 8.04 16.18 12.52
CA ILE A 284 7.19 15.54 11.51
C ILE A 284 7.10 16.50 10.34
N LYS A 285 7.54 16.06 9.17
CA LYS A 285 7.53 16.91 8.00
C LYS A 285 6.44 16.49 7.02
N PRO A 286 5.90 17.43 6.25
CA PRO A 286 4.88 17.07 5.26
C PRO A 286 5.45 16.19 4.17
N THR A 287 4.55 15.64 3.36
CA THR A 287 4.96 14.74 2.29
C THR A 287 5.76 15.48 1.22
N GLY A 288 5.40 16.73 0.95
CA GLY A 288 6.06 17.48 -0.10
C GLY A 288 6.45 18.90 0.28
N THR A 289 6.53 19.77 -0.73
CA THR A 289 6.94 21.15 -0.51
C THR A 289 5.73 22.01 -0.14
N SER A 290 5.94 23.32 -0.06
CA SER A 290 4.90 24.25 0.35
C SER A 290 5.05 25.55 -0.42
N ARG A 291 3.97 26.35 -0.42
CA ARG A 291 3.96 27.65 -1.05
C ARG A 291 3.29 28.65 -0.10
N THR A 292 3.41 29.93 -0.43
CA THR A 292 2.91 30.97 0.45
C THR A 292 1.39 31.07 0.42
N ALA A 293 0.78 31.00 -0.76
CA ALA A 293 -0.66 31.19 -0.88
C ALA A 293 -1.23 30.14 -1.83
N ILE A 294 -2.50 29.80 -1.62
CA ILE A 294 -3.18 28.84 -2.48
C ILE A 294 -3.69 29.47 -3.76
N THR A 295 -3.87 30.79 -3.78
CA THR A 295 -4.39 31.49 -4.95
C THR A 295 -3.29 31.88 -5.94
N THR A 296 -2.03 31.68 -5.60
CA THR A 296 -0.90 31.97 -6.48
C THR A 296 -0.09 30.70 -6.71
N LEU A 297 0.97 30.84 -7.48
CA LEU A 297 1.83 29.70 -7.80
C LEU A 297 3.06 29.67 -6.92
N SER B 10 -33.06 2.38 -5.07
CA SER B 10 -32.70 0.96 -4.97
C SER B 10 -31.37 0.79 -4.26
N ASP B 11 -30.37 1.55 -4.69
CA ASP B 11 -29.04 1.46 -4.06
C ASP B 11 -28.98 2.20 -2.73
N ARG B 12 -30.04 2.93 -2.37
CA ARG B 12 -30.03 3.70 -1.13
C ARG B 12 -30.50 2.86 0.05
N VAL B 13 -31.56 2.08 -0.13
CA VAL B 13 -32.11 1.24 0.92
C VAL B 13 -31.43 -0.13 0.87
N ALA B 14 -31.18 -0.71 2.04
CA ALA B 14 -30.53 -2.01 2.10
C ALA B 14 -30.93 -2.72 3.38
N GLN B 15 -30.79 -4.05 3.37
CA GLN B 15 -31.00 -4.88 4.54
C GLN B 15 -29.93 -5.96 4.58
N LEU B 16 -29.38 -6.20 5.76
CA LEU B 16 -28.36 -7.21 5.98
C LEU B 16 -28.85 -8.20 7.01
N THR B 17 -28.98 -9.47 6.63
CA THR B 17 -29.48 -10.52 7.50
C THR B 17 -28.46 -11.65 7.55
N ILE B 18 -27.96 -11.94 8.74
CA ILE B 18 -27.04 -13.05 8.96
C ILE B 18 -27.22 -13.52 10.40
N GLY B 19 -27.46 -14.81 10.58
CA GLY B 19 -27.74 -15.34 11.91
C GLY B 19 -29.12 -14.95 12.38
N ASN B 20 -29.22 -14.48 13.63
CA ASN B 20 -30.49 -14.01 14.17
C ASN B 20 -30.53 -12.49 14.34
N SER B 21 -29.75 -11.75 13.56
CA SER B 21 -29.68 -10.30 13.66
C SER B 21 -29.95 -9.68 12.29
N THR B 22 -30.48 -8.45 12.30
CA THR B 22 -30.86 -7.75 11.08
C THR B 22 -30.50 -6.28 11.21
N ILE B 23 -30.10 -5.68 10.09
CA ILE B 23 -29.76 -4.25 10.02
C ILE B 23 -30.52 -3.66 8.85
N THR B 24 -31.22 -2.54 9.09
CA THR B 24 -31.95 -1.83 8.05
C THR B 24 -31.43 -0.41 7.95
N THR B 25 -31.21 0.06 6.72
CA THR B 25 -30.75 1.42 6.48
C THR B 25 -31.49 1.99 5.28
N GLN B 26 -31.66 3.32 5.28
CA GLN B 26 -32.35 4.01 4.21
C GLN B 26 -31.48 5.08 3.55
N GLU B 27 -30.19 5.09 3.87
CA GLU B 27 -29.27 6.06 3.27
C GLU B 27 -27.91 5.36 3.15
N ALA B 28 -27.66 4.76 1.98
CA ALA B 28 -26.47 3.95 1.80
C ALA B 28 -25.81 4.30 0.48
N ALA B 29 -24.58 3.81 0.30
CA ALA B 29 -23.79 4.07 -0.89
C ALA B 29 -23.16 2.76 -1.37
N ASN B 30 -24.00 1.72 -1.49
CA ASN B 30 -23.59 0.42 -2.00
C ASN B 30 -22.70 -0.31 -1.00
N ILE B 31 -22.32 -1.54 -1.33
CA ILE B 31 -21.50 -2.38 -0.46
C ILE B 31 -20.17 -2.67 -1.14
N ILE B 32 -19.08 -2.46 -0.43
CA ILE B 32 -17.74 -2.73 -0.95
C ILE B 32 -17.35 -4.15 -0.57
N VAL B 33 -16.93 -4.93 -1.56
CA VAL B 33 -16.42 -6.27 -1.34
C VAL B 33 -14.90 -6.20 -1.50
N GLY B 34 -14.18 -6.29 -0.40
CA GLY B 34 -12.75 -6.06 -0.40
C GLY B 34 -11.96 -6.97 -1.31
N TYR B 35 -11.12 -6.38 -2.17
CA TYR B 35 -10.25 -7.09 -3.09
C TYR B 35 -11.03 -7.99 -4.05
N GLY B 36 -12.32 -7.72 -4.24
CA GLY B 36 -13.13 -8.50 -5.17
C GLY B 36 -13.21 -9.97 -4.84
N GLU B 37 -13.33 -10.31 -3.55
CA GLU B 37 -13.36 -11.70 -3.13
C GLU B 37 -14.28 -11.85 -1.93
N TRP B 38 -15.00 -12.97 -1.88
CA TRP B 38 -15.92 -13.30 -0.80
C TRP B 38 -15.27 -14.26 0.18
N PRO B 39 -15.68 -14.22 1.44
CA PRO B 39 -15.16 -15.20 2.42
C PRO B 39 -15.57 -16.61 2.04
N SER B 40 -14.69 -17.56 2.34
CA SER B 40 -14.94 -18.97 2.02
C SER B 40 -14.13 -19.83 2.99
N TYR B 41 -14.36 -21.13 2.92
CA TYR B 41 -13.69 -22.09 3.78
C TYR B 41 -12.39 -22.57 3.13
N CYS B 42 -11.53 -23.15 3.95
CA CYS B 42 -10.24 -23.64 3.48
C CYS B 42 -10.39 -24.93 2.71
N SER B 43 -9.66 -25.05 1.61
CA SER B 43 -9.70 -26.24 0.76
C SER B 43 -8.71 -27.28 1.27
N ASP B 44 -8.83 -28.49 0.70
CA ASP B 44 -7.96 -29.59 1.13
C ASP B 44 -6.52 -29.36 0.70
N SER B 45 -6.30 -28.72 -0.46
CA SER B 45 -4.94 -28.45 -0.91
C SER B 45 -4.25 -27.45 -0.01
N ASP B 46 -4.97 -26.44 0.46
CA ASP B 46 -4.38 -25.42 1.32
C ASP B 46 -4.17 -25.91 2.75
N ALA B 47 -5.06 -26.76 3.26
CA ALA B 47 -5.03 -27.16 4.65
C ALA B 47 -3.77 -27.96 4.97
N THR B 48 -3.31 -27.83 6.21
CA THR B 48 -2.13 -28.55 6.70
C THR B 48 -2.39 -29.41 7.92
N ALA B 49 -3.23 -28.96 8.85
CA ALA B 49 -3.54 -29.76 10.02
C ALA B 49 -4.43 -30.95 9.65
N VAL B 50 -4.39 -31.98 10.50
CA VAL B 50 -5.05 -33.24 10.19
C VAL B 50 -6.40 -33.34 10.86
N ASP B 51 -6.52 -32.80 12.08
CA ASP B 51 -7.77 -32.88 12.81
C ASP B 51 -8.87 -32.08 12.11
N LYS B 52 -10.10 -32.58 12.18
CA LYS B 52 -11.17 -31.86 11.50
C LYS B 52 -11.58 -30.63 12.30
N PRO B 53 -11.82 -29.51 11.64
CA PRO B 53 -12.23 -28.30 12.36
C PRO B 53 -13.71 -28.36 12.73
N THR B 54 -14.12 -27.37 13.53
CA THR B 54 -15.50 -27.23 13.97
C THR B 54 -16.08 -25.98 13.34
N ARG B 55 -17.35 -26.04 12.95
CA ARG B 55 -18.02 -24.92 12.30
C ARG B 55 -19.35 -24.65 12.97
N PRO B 56 -19.36 -23.93 14.10
CA PRO B 56 -20.61 -23.73 14.86
C PRO B 56 -21.68 -22.95 14.11
N ASP B 57 -21.34 -22.22 13.05
CA ASP B 57 -22.32 -21.59 12.15
C ASP B 57 -23.10 -20.52 12.90
N VAL B 58 -24.41 -20.66 13.08
CA VAL B 58 -25.30 -19.56 13.42
C VAL B 58 -24.95 -18.92 14.76
N SER B 59 -24.25 -19.64 15.63
CA SER B 59 -23.96 -19.12 16.95
C SER B 59 -22.79 -18.13 16.98
N VAL B 60 -21.99 -18.06 15.92
CA VAL B 60 -20.84 -17.17 15.88
C VAL B 60 -20.90 -16.17 14.73
N ASN B 61 -21.63 -16.48 13.65
CA ASN B 61 -21.73 -15.58 12.51
C ASN B 61 -23.00 -14.74 12.68
N ARG B 62 -22.88 -13.66 13.44
CA ARG B 62 -23.99 -12.74 13.66
C ARG B 62 -23.41 -11.39 14.09
N PHE B 63 -24.25 -10.37 14.01
CA PHE B 63 -23.79 -9.00 14.22
C PHE B 63 -23.54 -8.70 15.71
N TYR B 64 -22.42 -8.05 15.98
CA TYR B 64 -22.05 -7.60 17.32
C TYR B 64 -21.82 -6.10 17.28
N THR B 65 -22.25 -5.40 18.34
CA THR B 65 -22.00 -3.97 18.48
C THR B 65 -21.06 -3.75 19.65
N LEU B 66 -19.98 -2.98 19.43
CA LEU B 66 -18.94 -2.84 20.43
C LEU B 66 -19.20 -1.68 21.39
N ASP B 67 -19.25 -0.46 20.86
CA ASP B 67 -19.37 0.72 21.72
C ASP B 67 -19.76 1.96 20.91
N THR B 68 -20.06 3.05 21.61
CA THR B 68 -20.45 4.30 20.97
C THR B 68 -19.42 5.37 21.28
N LYS B 69 -18.97 6.08 20.24
CA LYS B 69 -17.95 7.10 20.36
C LYS B 69 -18.49 8.42 19.86
N LEU B 70 -18.18 9.50 20.57
CA LEU B 70 -18.77 10.80 20.28
C LEU B 70 -17.88 11.60 19.34
N TRP B 71 -18.48 12.19 18.32
CA TRP B 71 -17.77 13.01 17.34
C TRP B 71 -17.83 14.47 17.78
N GLU B 72 -16.67 15.06 18.00
CA GLU B 72 -16.55 16.45 18.40
C GLU B 72 -15.97 17.29 17.26
N LYS B 73 -15.97 18.60 17.45
CA LYS B 73 -15.39 19.49 16.45
C LYS B 73 -13.88 19.38 16.36
N SER B 74 -13.24 18.76 17.36
CA SER B 74 -11.79 18.67 17.43
C SER B 74 -11.28 17.24 17.51
N SER B 75 -12.03 16.29 16.98
CA SER B 75 -11.63 14.89 17.06
C SER B 75 -10.47 14.60 16.11
N LYS B 76 -9.66 13.62 16.49
CA LYS B 76 -8.53 13.18 15.66
C LYS B 76 -8.86 11.93 14.87
N GLY B 77 -9.29 10.88 15.55
CA GLY B 77 -9.59 9.61 14.91
C GLY B 77 -9.42 8.47 15.88
N TRP B 78 -9.89 7.30 15.46
CA TRP B 78 -9.85 6.10 16.29
C TRP B 78 -9.43 4.92 15.44
N TYR B 79 -9.03 3.84 16.10
CA TYR B 79 -8.73 2.60 15.39
C TYR B 79 -9.02 1.41 16.29
N TRP B 80 -9.41 0.31 15.65
CA TRP B 80 -9.72 -0.95 16.32
C TRP B 80 -8.90 -2.07 15.68
N LYS B 81 -8.70 -3.14 16.44
CA LYS B 81 -7.92 -4.28 15.98
C LYS B 81 -8.80 -5.53 15.91
N PHE B 82 -8.64 -6.30 14.84
CA PHE B 82 -9.44 -7.49 14.58
C PHE B 82 -8.55 -8.72 14.52
N PRO B 83 -8.99 -9.86 15.09
CA PRO B 83 -10.25 -10.09 15.80
C PRO B 83 -10.13 -9.84 17.30
N ASP B 84 -9.26 -8.92 17.71
CA ASP B 84 -9.03 -8.66 19.12
C ASP B 84 -10.28 -8.11 19.83
N VAL B 85 -11.19 -7.48 19.08
CA VAL B 85 -12.37 -6.90 19.70
C VAL B 85 -13.32 -7.97 20.21
N LEU B 86 -13.44 -9.09 19.49
CA LEU B 86 -14.43 -10.11 19.77
C LEU B 86 -13.90 -11.28 20.59
N THR B 87 -12.69 -11.19 21.13
CA THR B 87 -12.15 -12.32 21.88
C THR B 87 -12.77 -12.46 23.26
N GLU B 88 -13.65 -11.56 23.67
CA GLU B 88 -14.30 -11.63 24.96
C GLU B 88 -15.83 -11.58 24.89
N THR B 89 -16.40 -11.76 23.70
CA THR B 89 -17.83 -11.55 23.49
C THR B 89 -18.47 -12.84 23.00
N GLY B 90 -19.23 -13.49 23.87
CA GLY B 90 -20.11 -14.57 23.49
C GLY B 90 -19.42 -15.86 23.04
N VAL B 91 -20.17 -16.61 22.22
CA VAL B 91 -19.71 -17.91 21.77
C VAL B 91 -18.48 -17.78 20.90
N PHE B 92 -18.38 -16.71 20.10
CA PHE B 92 -17.16 -16.48 19.33
C PHE B 92 -15.95 -16.35 20.23
N GLY B 93 -16.07 -15.56 21.30
CA GLY B 93 -14.95 -15.43 22.22
C GLY B 93 -14.60 -16.74 22.91
N GLN B 94 -15.62 -17.48 23.34
CA GLN B 94 -15.36 -18.76 24.00
C GLN B 94 -14.65 -19.73 23.06
N ASN B 95 -15.12 -19.82 21.82
CA ASN B 95 -14.48 -20.71 20.84
C ASN B 95 -13.07 -20.25 20.54
N ALA B 96 -12.86 -18.94 20.41
CA ALA B 96 -11.53 -18.42 20.08
C ALA B 96 -10.54 -18.67 21.20
N GLN B 97 -10.98 -18.62 22.46
CA GLN B 97 -10.08 -18.86 23.57
C GLN B 97 -10.04 -20.31 24.03
N PHE B 98 -10.86 -21.18 23.43
CA PHE B 98 -10.75 -22.62 23.70
C PHE B 98 -9.90 -23.35 22.68
N HIS B 99 -9.81 -22.85 21.46
CA HIS B 99 -9.05 -23.50 20.40
C HIS B 99 -7.73 -22.77 20.14
N TYR B 100 -6.89 -23.42 19.34
CA TYR B 100 -5.58 -22.89 19.01
C TYR B 100 -5.56 -22.17 17.66
N LEU B 101 -6.23 -22.73 16.66
CA LEU B 101 -6.24 -22.19 15.31
C LEU B 101 -7.56 -21.47 14.99
N TYR B 102 -7.45 -20.40 14.23
CA TYR B 102 -8.57 -19.57 13.83
C TYR B 102 -8.56 -19.04 12.43
N ARG B 103 -9.73 -18.97 11.80
CA ARG B 103 -9.90 -18.36 10.49
C ARG B 103 -11.35 -17.95 10.27
N SER B 104 -11.54 -16.81 9.62
CA SER B 104 -12.88 -16.29 9.33
C SER B 104 -12.74 -15.01 8.50
N GLY B 105 -13.85 -14.64 7.86
CA GLY B 105 -14.00 -13.34 7.27
C GLY B 105 -14.75 -12.39 8.19
N PHE B 106 -15.12 -11.23 7.65
CA PHE B 106 -15.81 -10.24 8.46
C PHE B 106 -16.72 -9.39 7.59
N CYS B 107 -17.69 -8.76 8.24
CA CYS B 107 -18.56 -7.76 7.64
C CYS B 107 -18.69 -6.59 8.61
N ILE B 108 -18.34 -5.39 8.14
CA ILE B 108 -18.22 -4.22 9.00
C ILE B 108 -19.26 -3.19 8.59
N HIS B 109 -20.00 -2.67 9.57
CA HIS B 109 -21.03 -1.66 9.33
C HIS B 109 -20.84 -0.54 10.34
N VAL B 110 -20.63 0.68 9.84
CA VAL B 110 -20.41 1.86 10.67
C VAL B 110 -21.59 2.81 10.49
N GLN B 111 -22.13 3.31 11.58
CA GLN B 111 -23.33 4.13 11.58
C GLN B 111 -23.06 5.48 12.22
N CYS B 112 -23.54 6.54 11.58
CA CYS B 112 -23.43 7.90 12.11
C CYS B 112 -24.45 8.76 11.38
N ASN B 113 -25.37 9.37 12.13
CA ASN B 113 -26.46 10.13 11.53
C ASN B 113 -26.52 11.53 12.12
N ALA B 114 -27.00 12.47 11.32
CA ALA B 114 -27.16 13.86 11.72
C ALA B 114 -28.36 14.43 10.99
N SER B 115 -28.49 15.75 10.98
CA SER B 115 -29.59 16.44 10.34
C SER B 115 -29.18 16.97 8.97
N LYS B 116 -30.04 17.74 8.34
CA LYS B 116 -29.76 18.34 7.05
C LYS B 116 -29.03 19.67 7.17
N PHE B 117 -28.75 20.12 8.38
CA PHE B 117 -28.01 21.36 8.61
C PHE B 117 -26.61 21.11 9.17
N HIS B 118 -26.24 19.86 9.39
CA HIS B 118 -24.89 19.49 9.83
C HIS B 118 -24.03 19.15 8.62
N GLN B 119 -22.71 19.28 8.81
CA GLN B 119 -21.77 18.94 7.75
C GLN B 119 -20.56 18.25 8.35
N GLY B 120 -19.90 17.45 7.53
CA GLY B 120 -18.74 16.69 7.94
C GLY B 120 -18.45 15.58 6.98
N ALA B 121 -17.36 14.85 7.26
CA ALA B 121 -16.95 13.74 6.42
C ALA B 121 -16.01 12.85 7.20
N LEU B 122 -16.12 11.53 6.98
CA LEU B 122 -15.28 10.54 7.63
C LEU B 122 -14.70 9.60 6.59
N LEU B 123 -13.52 9.06 6.89
CA LEU B 123 -12.87 8.06 6.06
C LEU B 123 -12.78 6.76 6.86
N VAL B 124 -13.39 5.70 6.34
CA VAL B 124 -13.43 4.39 6.99
C VAL B 124 -12.63 3.44 6.11
N ALA B 125 -11.50 2.95 6.61
CA ALA B 125 -10.60 2.13 5.82
C ALA B 125 -10.15 0.92 6.61
N VAL B 126 -9.73 -0.12 5.89
CA VAL B 126 -9.25 -1.36 6.48
C VAL B 126 -7.82 -1.58 6.00
N LEU B 127 -6.89 -1.67 6.94
CA LEU B 127 -5.47 -1.83 6.62
C LEU B 127 -4.92 -3.12 7.20
N PRO B 128 -4.58 -4.12 6.39
CA PRO B 128 -4.00 -5.36 6.93
C PRO B 128 -2.65 -5.11 7.56
N GLU B 129 -2.38 -5.83 8.65
CA GLU B 129 -1.10 -5.77 9.36
C GLU B 129 -0.71 -4.33 9.69
N TYR B 130 -1.57 -3.68 10.48
CA TYR B 130 -1.39 -2.28 10.83
C TYR B 130 -0.51 -2.21 12.07
N VAL B 131 0.81 -2.16 11.85
CA VAL B 131 1.78 -2.10 12.93
C VAL B 131 1.88 -0.67 13.43
N ILE B 132 1.97 -0.50 14.74
CA ILE B 132 1.99 0.81 15.38
C ILE B 132 3.42 1.12 15.81
N GLY B 133 3.90 2.31 15.49
CA GLY B 133 5.19 2.79 15.92
C GLY B 133 5.07 3.82 17.04
N THR B 134 6.24 4.23 17.52
CA THR B 134 6.34 5.23 18.58
C THR B 134 7.04 6.48 18.07
N VAL B 135 7.04 7.51 18.90
CA VAL B 135 7.63 8.79 18.54
C VAL B 135 9.12 8.80 18.85
N ALA B 136 9.63 7.66 19.30
CA ALA B 136 11.06 7.45 19.53
C ALA B 136 11.65 8.51 20.45
N GLY B 137 10.87 8.88 21.48
CA GLY B 137 11.30 9.86 22.44
C GLY B 137 11.26 11.30 21.96
N GLY B 138 10.87 11.53 20.71
CA GLY B 138 10.80 12.85 20.15
C GLY B 138 12.04 13.27 19.37
N THR B 139 13.18 12.59 19.60
CA THR B 139 14.41 12.93 18.91
C THR B 139 14.95 11.77 18.07
N GLY B 140 14.29 10.63 18.06
CA GLY B 140 14.76 9.47 17.33
C GLY B 140 15.91 8.74 17.98
N THR B 141 16.27 9.08 19.22
CA THR B 141 17.40 8.47 19.91
C THR B 141 17.01 7.25 20.73
N GLU B 142 15.80 7.22 21.28
CA GLU B 142 15.36 6.15 22.18
C GLU B 142 14.62 5.10 21.36
N ASP B 143 15.06 3.84 21.47
CA ASP B 143 14.42 2.72 20.77
C ASP B 143 13.36 2.13 21.68
N SER B 144 12.22 2.82 21.77
CA SER B 144 11.10 2.36 22.57
C SER B 144 10.12 1.56 21.72
N HIS B 145 9.19 0.90 22.39
CA HIS B 145 8.13 0.14 21.75
C HIS B 145 6.81 0.48 22.42
N PRO B 146 5.70 0.47 21.67
CA PRO B 146 4.42 0.85 22.26
C PRO B 146 3.98 -0.18 23.29
N PRO B 147 3.28 0.26 24.33
CA PRO B 147 2.78 -0.70 25.33
C PRO B 147 1.69 -1.59 24.73
N TYR B 148 1.34 -2.63 25.50
CA TYR B 148 0.30 -3.55 25.05
C TYR B 148 -1.05 -2.87 24.92
N LYS B 149 -1.26 -1.78 25.67
CA LYS B 149 -2.53 -1.06 25.59
C LYS B 149 -2.73 -0.45 24.20
N GLN B 150 -1.67 0.12 23.62
CA GLN B 150 -1.81 0.76 22.32
C GLN B 150 -1.88 -0.26 21.19
N THR B 151 -1.14 -1.36 21.30
CA THR B 151 -1.10 -2.33 20.21
C THR B 151 -2.42 -3.07 20.08
N GLN B 152 -2.98 -3.54 21.19
CA GLN B 152 -4.26 -4.25 21.21
C GLN B 152 -5.15 -3.58 22.24
N PRO B 153 -5.88 -2.52 21.84
CA PRO B 153 -6.67 -1.75 22.81
C PRO B 153 -7.92 -2.46 23.31
N GLY B 154 -8.33 -3.56 22.67
CA GLY B 154 -9.54 -4.24 23.10
C GLY B 154 -10.76 -3.80 22.31
N ALA B 155 -11.93 -3.87 22.93
CA ALA B 155 -13.16 -3.44 22.28
C ALA B 155 -13.45 -1.96 22.49
N ASP B 156 -12.63 -1.26 23.26
CA ASP B 156 -12.85 0.17 23.48
C ASP B 156 -12.15 1.04 22.44
N GLY B 157 -11.24 0.47 21.64
CA GLY B 157 -10.53 1.24 20.64
C GLY B 157 -9.47 2.12 21.25
N PHE B 158 -8.83 2.90 20.37
CA PHE B 158 -7.78 3.82 20.79
C PHE B 158 -7.77 5.02 19.85
N GLU B 159 -7.43 6.18 20.39
CA GLU B 159 -7.45 7.44 19.65
C GLU B 159 -6.07 7.75 19.10
N LEU B 160 -6.03 8.16 17.83
CA LEU B 160 -4.76 8.48 17.19
C LEU B 160 -4.16 9.75 17.78
N GLN B 161 -2.83 9.79 17.85
CA GLN B 161 -2.11 10.95 18.33
C GLN B 161 -1.59 11.82 17.18
N HIS B 162 -1.12 11.19 16.11
CA HIS B 162 -0.64 11.89 14.91
C HIS B 162 -1.37 11.29 13.71
N PRO B 163 -2.60 11.73 13.45
CA PRO B 163 -3.37 11.14 12.34
C PRO B 163 -2.76 11.40 10.97
N TYR B 164 -1.93 12.43 10.83
CA TYR B 164 -1.34 12.72 9.53
C TYR B 164 -0.41 11.60 9.07
N VAL B 165 0.36 11.02 10.01
CA VAL B 165 1.25 9.92 9.69
C VAL B 165 0.65 8.57 10.07
N LEU B 166 -0.63 8.55 10.46
CA LEU B 166 -1.34 7.33 10.85
C LEU B 166 -0.67 6.60 12.01
N ASP B 167 0.09 7.33 12.83
CA ASP B 167 0.82 6.78 13.97
C ASP B 167 1.80 5.68 13.57
N ALA B 168 2.17 5.61 12.29
CA ALA B 168 3.10 4.59 11.83
C ALA B 168 4.10 5.10 10.80
N GLY B 169 4.11 6.39 10.47
CA GLY B 169 5.06 6.93 9.53
C GLY B 169 4.65 6.88 8.08
N ILE B 170 3.36 6.70 7.79
CA ILE B 170 2.87 6.60 6.42
C ILE B 170 1.79 7.66 6.21
N PRO B 171 1.66 8.23 5.02
CA PRO B 171 0.69 9.31 4.82
C PRO B 171 -0.74 8.81 4.83
N ILE B 172 -1.65 9.68 5.28
CA ILE B 172 -3.05 9.32 5.28
C ILE B 172 -3.67 9.54 3.90
N SER B 173 -3.07 10.41 3.08
CA SER B 173 -3.63 10.72 1.78
C SER B 173 -3.57 9.55 0.80
N GLN B 174 -2.84 8.49 1.13
CA GLN B 174 -2.78 7.30 0.30
C GLN B 174 -3.54 6.12 0.90
N LEU B 175 -4.31 6.36 1.97
CA LEU B 175 -5.07 5.30 2.60
C LEU B 175 -6.22 4.81 1.74
N THR B 176 -6.57 5.53 0.67
CA THR B 176 -7.66 5.09 -0.20
C THR B 176 -7.28 3.87 -1.03
N VAL B 177 -6.01 3.47 -1.04
CA VAL B 177 -5.61 2.26 -1.76
C VAL B 177 -6.15 1.01 -1.08
N CYS B 178 -6.51 1.10 0.20
CA CYS B 178 -7.13 0.04 0.97
C CYS B 178 -8.64 0.07 0.81
N PRO B 179 -9.32 -1.05 1.03
CA PRO B 179 -10.78 -1.05 0.94
C PRO B 179 -11.38 -0.03 1.89
N HIS B 180 -12.22 0.86 1.34
CA HIS B 180 -12.64 2.02 2.10
C HIS B 180 -13.99 2.52 1.58
N GLN B 181 -14.62 3.37 2.40
CA GLN B 181 -15.81 4.12 2.03
C GLN B 181 -15.75 5.48 2.72
N TRP B 182 -16.70 6.34 2.39
CA TRP B 182 -16.84 7.63 3.04
C TRP B 182 -18.22 7.74 3.67
N ILE B 183 -18.30 8.50 4.76
CA ILE B 183 -19.57 8.85 5.38
C ILE B 183 -19.68 10.36 5.28
N ASN B 184 -20.31 10.85 4.21
CA ASN B 184 -20.58 12.26 4.03
C ASN B 184 -21.96 12.57 4.58
N LEU B 185 -22.02 13.44 5.59
CA LEU B 185 -23.29 13.76 6.23
C LEU B 185 -24.29 14.37 5.27
N ARG B 186 -23.81 14.89 4.14
CA ARG B 186 -24.70 15.42 3.11
C ARG B 186 -25.37 14.30 2.32
N THR B 187 -24.67 13.18 2.13
CA THR B 187 -25.13 12.13 1.22
C THR B 187 -25.66 10.90 1.95
N ASN B 188 -24.84 10.27 2.79
CA ASN B 188 -25.20 8.99 3.40
C ASN B 188 -24.92 9.03 4.90
N ASN B 189 -25.29 7.95 5.58
CA ASN B 189 -25.05 7.86 7.02
C ASN B 189 -24.56 6.47 7.44
N CYS B 190 -24.02 5.68 6.53
CA CYS B 190 -23.50 4.36 6.88
C CYS B 190 -22.46 3.93 5.85
N ALA B 191 -21.62 2.99 6.26
CA ALA B 191 -20.60 2.43 5.40
C ALA B 191 -20.48 0.93 5.67
N THR B 192 -20.46 0.13 4.61
CA THR B 192 -20.40 -1.32 4.73
C THR B 192 -19.25 -1.86 3.91
N ILE B 193 -18.39 -2.67 4.55
CA ILE B 193 -17.24 -3.28 3.91
C ILE B 193 -17.21 -4.76 4.27
N ILE B 194 -16.90 -5.60 3.29
CA ILE B 194 -16.79 -7.04 3.48
C ILE B 194 -15.35 -7.45 3.19
N VAL B 195 -14.74 -8.17 4.13
CA VAL B 195 -13.33 -8.50 4.09
C VAL B 195 -13.20 -10.02 4.10
N PRO B 196 -12.45 -10.63 3.17
CA PRO B 196 -12.16 -12.06 3.27
C PRO B 196 -11.06 -12.34 4.29
N TYR B 197 -10.63 -13.60 4.38
CA TYR B 197 -9.53 -13.94 5.29
C TYR B 197 -8.21 -13.59 4.60
N ILE B 198 -7.43 -12.74 5.24
CA ILE B 198 -6.19 -12.22 4.67
C ILE B 198 -5.04 -12.65 5.56
N ASN B 199 -4.17 -13.52 5.03
CA ASN B 199 -3.01 -14.01 5.75
C ASN B 199 -2.18 -14.85 4.80
N ALA B 200 -0.91 -15.05 5.16
CA ALA B 200 -0.02 -15.92 4.40
C ALA B 200 -0.07 -17.36 4.88
N LEU B 201 -0.93 -17.68 5.84
CA LEU B 201 -1.12 -19.01 6.39
C LEU B 201 -2.60 -19.37 6.35
N PRO B 202 -2.92 -20.68 6.21
CA PRO B 202 -4.34 -21.06 6.19
C PRO B 202 -5.04 -20.88 7.53
N PHE B 203 -4.33 -21.06 8.64
CA PHE B 203 -4.87 -20.88 9.97
C PHE B 203 -3.87 -20.09 10.80
N ASP B 204 -4.36 -19.47 11.86
CA ASP B 204 -3.49 -18.69 12.73
C ASP B 204 -4.16 -18.55 14.10
N SER B 205 -3.37 -18.08 15.08
CA SER B 205 -3.85 -17.91 16.44
C SER B 205 -4.62 -16.60 16.55
N ALA B 206 -5.73 -16.63 17.28
CA ALA B 206 -6.55 -15.44 17.48
C ALA B 206 -6.11 -14.61 18.68
N LEU B 207 -5.17 -15.11 19.48
CA LEU B 207 -4.73 -14.39 20.67
C LEU B 207 -3.34 -13.78 20.52
N ASN B 208 -2.60 -14.13 19.47
CA ASN B 208 -1.28 -13.58 19.24
C ASN B 208 -1.16 -12.73 17.99
N HIS B 209 -2.08 -12.90 17.03
CA HIS B 209 -2.00 -12.22 15.75
C HIS B 209 -3.28 -11.44 15.48
N CYS B 210 -3.13 -10.25 14.92
CA CYS B 210 -4.26 -9.42 14.49
C CYS B 210 -4.18 -9.28 12.97
N ASN B 211 -5.27 -9.61 12.29
CA ASN B 211 -5.24 -9.65 10.83
C ASN B 211 -5.19 -8.25 10.22
N PHE B 212 -6.01 -7.33 10.73
CA PHE B 212 -6.09 -6.00 10.15
C PHE B 212 -6.58 -5.02 11.21
N GLY B 213 -6.80 -3.79 10.79
CA GLY B 213 -7.32 -2.76 11.67
C GLY B 213 -8.30 -1.88 10.95
N LEU B 214 -9.21 -1.28 11.71
CA LEU B 214 -10.25 -0.41 11.18
C LEU B 214 -9.99 1.02 11.62
N LEU B 215 -9.97 1.94 10.66
CA LEU B 215 -9.63 3.34 10.92
C LEU B 215 -10.84 4.21 10.59
N VAL B 216 -11.14 5.14 11.50
CA VAL B 216 -12.19 6.13 11.30
C VAL B 216 -11.59 7.49 11.60
N VAL B 217 -11.34 8.29 10.57
CA VAL B 217 -10.65 9.57 10.70
C VAL B 217 -11.50 10.66 10.07
N PRO B 218 -11.87 11.72 10.79
CA PRO B 218 -12.63 12.82 10.19
C PRO B 218 -11.73 13.73 9.37
N ILE B 219 -11.84 13.63 8.04
CA ILE B 219 -11.06 14.47 7.15
C ILE B 219 -11.59 15.90 7.13
N SER B 220 -12.91 16.04 7.03
CA SER B 220 -13.56 17.35 7.05
C SER B 220 -14.25 17.52 8.40
N PRO B 221 -13.94 18.58 9.15
CA PRO B 221 -14.43 18.67 10.53
C PRO B 221 -15.93 18.87 10.60
N LEU B 222 -16.48 18.46 11.73
CA LEU B 222 -17.91 18.62 11.99
C LEU B 222 -18.24 20.08 12.28
N ASP B 223 -19.39 20.52 11.79
CA ASP B 223 -19.83 21.90 12.03
C ASP B 223 -21.35 21.95 12.09
N TYR B 224 -21.86 22.92 12.83
CA TYR B 224 -23.29 23.14 13.00
C TYR B 224 -23.48 24.47 13.71
N ASP B 225 -24.69 25.01 13.62
CA ASP B 225 -25.02 26.25 14.30
C ASP B 225 -25.56 25.98 15.69
N GLN B 226 -25.34 26.94 16.59
CA GLN B 226 -25.75 26.76 17.98
C GLN B 226 -27.27 26.71 18.07
N GLY B 227 -27.78 25.69 18.77
CA GLY B 227 -29.19 25.40 18.85
C GLY B 227 -29.56 24.02 18.35
N ALA B 228 -28.75 23.48 17.44
CA ALA B 228 -28.95 22.11 16.96
C ALA B 228 -28.39 21.12 17.97
N THR B 229 -28.61 19.83 17.70
CA THR B 229 -28.13 18.80 18.60
C THR B 229 -26.61 18.72 18.54
N PRO B 230 -25.90 18.86 19.67
CA PRO B 230 -24.44 18.84 19.65
C PRO B 230 -23.81 17.46 19.85
N VAL B 231 -24.60 16.41 20.08
CA VAL B 231 -24.08 15.08 20.32
C VAL B 231 -24.27 14.25 19.06
N ILE B 232 -23.16 13.84 18.44
CA ILE B 232 -23.20 13.08 17.20
C ILE B 232 -22.43 11.78 17.40
N PRO B 233 -23.10 10.69 17.78
CA PRO B 233 -22.38 9.45 18.10
C PRO B 233 -21.99 8.65 16.86
N ILE B 234 -21.02 7.76 17.06
CA ILE B 234 -20.55 6.83 16.04
C ILE B 234 -20.56 5.43 16.63
N THR B 235 -21.19 4.49 15.94
CA THR B 235 -21.35 3.12 16.45
C THR B 235 -20.82 2.13 15.43
N ILE B 236 -20.17 1.07 15.92
CA ILE B 236 -19.53 0.06 15.08
C ILE B 236 -20.24 -1.27 15.28
N THR B 237 -20.62 -1.91 14.18
CA THR B 237 -21.27 -3.21 14.18
C THR B 237 -20.54 -4.14 13.22
N LEU B 238 -20.26 -5.36 13.67
CA LEU B 238 -19.49 -6.31 12.87
C LEU B 238 -20.03 -7.71 13.06
N ALA B 239 -19.73 -8.59 12.09
CA ALA B 239 -20.19 -9.97 12.10
C ALA B 239 -19.18 -10.89 11.42
N PRO B 240 -18.69 -11.92 12.10
CA PRO B 240 -17.80 -12.88 11.45
C PRO B 240 -18.52 -13.65 10.35
N MET B 241 -17.73 -14.10 9.37
CA MET B 241 -18.27 -14.86 8.25
C MET B 241 -17.36 -16.04 7.95
N CYS B 242 -17.94 -17.24 7.91
CA CYS B 242 -17.23 -18.48 7.60
C CYS B 242 -16.12 -18.76 8.62
N SER B 243 -16.52 -18.85 9.89
CA SER B 243 -15.58 -19.06 10.97
C SER B 243 -15.22 -20.54 11.11
N GLU B 244 -13.95 -20.80 11.44
CA GLU B 244 -13.44 -22.15 11.62
C GLU B 244 -12.48 -22.18 12.80
N PHE B 245 -12.54 -23.26 13.57
CA PHE B 245 -11.69 -23.43 14.74
C PHE B 245 -11.13 -24.85 14.76
N ALA B 246 -9.92 -25.00 15.28
CA ALA B 246 -9.28 -26.30 15.37
C ALA B 246 -8.18 -26.24 16.42
N GLY B 247 -7.91 -27.39 17.05
CA GLY B 247 -6.88 -27.46 18.07
C GLY B 247 -7.40 -27.32 19.48
N LEU B 248 -8.43 -28.09 19.83
CA LEU B 248 -9.11 -27.95 21.10
C LEU B 248 -8.19 -28.26 22.27
N ARG B 249 -8.28 -27.46 23.32
CA ARG B 249 -7.48 -27.59 24.53
C ARG B 249 -8.21 -26.89 25.67
N GLN B 250 -7.48 -26.59 26.74
CA GLN B 250 -8.03 -25.80 27.84
C GLN B 250 -8.41 -24.40 27.35
N ALA B 251 -9.00 -23.61 28.25
CA ALA B 251 -9.37 -22.24 27.95
C ALA B 251 -8.32 -21.30 28.53
N VAL B 252 -7.64 -20.56 27.65
CA VAL B 252 -6.64 -19.58 28.05
C VAL B 252 -7.15 -18.21 27.62
N THR B 253 -6.99 -17.21 28.49
CA THR B 253 -7.49 -15.87 28.25
C THR B 253 -6.40 -14.90 27.82
N GLN B 254 -5.23 -14.99 28.44
CA GLN B 254 -4.14 -14.06 28.16
C GLN B 254 -3.60 -14.23 26.74
N GLY C 1 41.85 -27.82 -25.74
CA GLY C 1 40.40 -27.89 -25.86
C GLY C 1 39.86 -27.01 -26.97
N PHE C 2 38.62 -26.55 -26.80
CA PHE C 2 37.97 -25.74 -27.81
C PHE C 2 38.56 -24.34 -27.80
N PRO C 3 39.12 -23.86 -28.92
CA PRO C 3 39.72 -22.52 -28.95
C PRO C 3 38.70 -21.39 -28.83
N THR C 4 38.89 -20.52 -27.85
CA THR C 4 37.99 -19.39 -27.64
C THR C 4 38.80 -18.10 -27.53
N GLU C 5 38.10 -17.00 -27.36
CA GLU C 5 38.74 -15.69 -27.23
C GLU C 5 37.91 -14.83 -26.28
N LEU C 6 38.58 -13.92 -25.58
CA LEU C 6 37.90 -13.07 -24.61
C LEU C 6 37.73 -11.67 -25.17
N LYS C 7 36.53 -11.12 -25.03
CA LYS C 7 36.17 -9.83 -25.59
C LYS C 7 36.15 -8.75 -24.51
N PRO C 8 36.30 -7.47 -24.88
CA PRO C 8 36.46 -6.40 -23.89
C PRO C 8 35.20 -6.09 -23.07
N GLY C 9 34.66 -7.11 -22.43
CA GLY C 9 33.54 -6.91 -21.51
C GLY C 9 33.56 -7.88 -20.35
N THR C 10 34.66 -8.63 -20.21
CA THR C 10 34.74 -9.64 -19.17
C THR C 10 35.05 -9.03 -17.82
N ASN C 11 34.75 -9.80 -16.76
CA ASN C 11 35.17 -9.54 -15.38
C ASN C 11 34.46 -8.35 -14.76
N GLN C 12 33.45 -7.78 -15.39
CA GLN C 12 32.71 -6.66 -14.85
C GLN C 12 31.43 -7.14 -14.17
N PHE C 13 30.87 -6.28 -13.33
CA PHE C 13 29.65 -6.57 -12.57
C PHE C 13 28.63 -5.50 -12.89
N LEU C 14 27.72 -5.81 -13.82
CA LEU C 14 26.61 -4.92 -14.15
C LEU C 14 25.42 -5.30 -13.28
N THR C 15 24.91 -4.32 -12.53
CA THR C 15 23.86 -4.62 -11.55
C THR C 15 22.54 -5.00 -12.23
N THR C 16 22.28 -4.47 -13.42
CA THR C 16 21.04 -4.78 -14.13
C THR C 16 21.17 -5.98 -15.05
N ASP C 17 22.30 -6.68 -15.04
CA ASP C 17 22.46 -7.86 -15.86
C ASP C 17 21.63 -9.00 -15.33
N ASP C 18 21.11 -9.83 -16.24
CA ASP C 18 20.24 -10.95 -15.89
C ASP C 18 20.89 -12.21 -16.44
N GLY C 19 21.36 -13.09 -15.55
CA GLY C 19 22.04 -14.29 -15.95
C GLY C 19 21.83 -15.47 -15.02
N VAL C 20 22.69 -16.48 -15.13
CA VAL C 20 22.58 -17.71 -14.36
C VAL C 20 23.67 -17.71 -13.30
N SER C 21 23.36 -18.34 -12.15
CA SER C 21 24.29 -18.46 -11.05
C SER C 21 24.15 -19.84 -10.41
N ALA C 22 25.20 -20.26 -9.72
CA ALA C 22 25.24 -21.60 -9.16
C ALA C 22 24.36 -21.68 -7.91
N PRO C 23 23.41 -22.61 -7.86
CA PRO C 23 22.60 -22.76 -6.64
C PRO C 23 23.41 -23.33 -5.48
N ILE C 24 23.00 -22.94 -4.27
CA ILE C 24 23.74 -23.31 -3.06
C ILE C 24 23.11 -24.53 -2.38
N LEU C 25 21.80 -24.70 -2.54
CA LEU C 25 21.07 -25.81 -1.92
C LEU C 25 20.46 -26.69 -2.99
N PRO C 26 21.06 -27.84 -3.30
CA PRO C 26 20.51 -28.71 -4.34
C PRO C 26 19.32 -29.51 -3.85
N ASN C 27 18.41 -29.79 -4.79
CA ASN C 27 17.22 -30.60 -4.54
C ASN C 27 16.32 -30.02 -3.46
N PHE C 28 16.33 -28.69 -3.32
CA PHE C 28 15.49 -28.00 -2.34
C PHE C 28 14.18 -27.61 -3.00
N HIS C 29 13.07 -27.92 -2.34
CA HIS C 29 11.74 -27.60 -2.85
C HIS C 29 11.05 -26.62 -1.93
N PRO C 30 10.61 -25.47 -2.42
CA PRO C 30 10.03 -24.45 -1.54
C PRO C 30 8.63 -24.81 -1.09
N THR C 31 8.14 -24.04 -0.13
CA THR C 31 6.81 -24.27 0.44
C THR C 31 5.75 -24.01 -0.62
N PRO C 32 4.68 -24.82 -0.67
CA PRO C 32 3.59 -24.56 -1.61
C PRO C 32 2.92 -23.22 -1.34
N CYS C 33 2.43 -22.60 -2.41
CA CYS C 33 1.80 -21.28 -2.34
C CYS C 33 0.28 -21.44 -2.29
N ILE C 34 -0.31 -21.00 -1.18
CA ILE C 34 -1.76 -20.99 -1.03
C ILE C 34 -2.35 -19.75 -1.68
N HIS C 35 -3.67 -19.70 -1.82
CA HIS C 35 -4.32 -18.55 -2.40
C HIS C 35 -4.36 -17.39 -1.42
N ILE C 36 -3.84 -16.24 -1.83
CA ILE C 36 -3.87 -15.03 -1.02
C ILE C 36 -4.60 -13.95 -1.81
N PRO C 37 -5.55 -13.25 -1.20
CA PRO C 37 -6.32 -12.24 -1.96
C PRO C 37 -5.53 -10.96 -2.17
N GLY C 38 -5.70 -10.36 -3.35
CA GLY C 38 -5.15 -9.05 -3.63
C GLY C 38 -3.77 -9.05 -4.26
N GLU C 39 -3.57 -9.89 -5.28
CA GLU C 39 -2.28 -9.97 -5.95
C GLU C 39 -2.21 -8.93 -7.06
N VAL C 40 -1.07 -8.22 -7.13
CA VAL C 40 -0.85 -7.17 -8.10
C VAL C 40 0.17 -7.66 -9.11
N ARG C 41 -0.17 -7.53 -10.40
CA ARG C 41 0.70 -7.97 -11.48
C ARG C 41 1.42 -6.83 -12.19
N ASN C 42 0.86 -5.62 -12.15
CA ASN C 42 1.44 -4.47 -12.82
C ASN C 42 1.19 -3.23 -11.97
N LEU C 43 2.09 -2.25 -12.09
CA LEU C 43 1.99 -1.05 -11.28
C LEU C 43 0.92 -0.08 -11.79
N LEU C 44 0.48 -0.24 -13.04
CA LEU C 44 -0.54 0.66 -13.57
C LEU C 44 -1.88 0.46 -12.86
N GLU C 45 -2.14 -0.74 -12.34
CA GLU C 45 -3.33 -0.97 -11.53
C GLU C 45 -3.34 -0.05 -10.32
N LEU C 46 -2.19 0.11 -9.68
CA LEU C 46 -2.08 1.06 -8.56
C LEU C 46 -2.08 2.49 -9.06
N CYS C 47 -1.58 2.73 -10.27
CA CYS C 47 -1.60 4.09 -10.81
C CYS C 47 -2.99 4.54 -11.21
N GLN C 48 -3.96 3.62 -11.30
CA GLN C 48 -5.32 3.97 -11.65
C GLN C 48 -6.24 4.15 -10.44
N VAL C 49 -5.68 4.19 -9.22
CA VAL C 49 -6.47 4.31 -8.00
C VAL C 49 -6.35 5.72 -7.46
N GLU C 50 -7.48 6.30 -7.06
CA GLU C 50 -7.53 7.69 -6.61
C GLU C 50 -6.95 7.85 -5.22
N THR C 51 -6.26 8.97 -5.00
CA THR C 51 -5.72 9.33 -3.69
C THR C 51 -5.89 10.84 -3.50
N ILE C 52 -5.82 11.26 -2.24
CA ILE C 52 -6.11 12.64 -1.90
C ILE C 52 -5.00 13.56 -2.41
N LEU C 53 -5.39 14.66 -3.02
CA LEU C 53 -4.46 15.63 -3.59
C LEU C 53 -4.41 16.86 -2.69
N GLU C 54 -3.22 17.18 -2.17
CA GLU C 54 -3.06 18.34 -1.29
C GLU C 54 -2.89 19.60 -2.13
N VAL C 55 -4.02 20.15 -2.55
CA VAL C 55 -4.02 21.44 -3.23
C VAL C 55 -3.64 22.56 -2.27
N ASN C 56 -4.08 22.46 -1.02
CA ASN C 56 -3.85 23.48 -0.01
C ASN C 56 -2.60 23.15 0.83
N ASN C 57 -1.45 23.17 0.17
CA ASN C 57 -0.20 22.89 0.87
C ASN C 57 0.46 24.16 1.40
N VAL C 58 -0.34 25.00 2.07
CA VAL C 58 0.18 26.21 2.72
C VAL C 58 0.72 25.94 4.11
N PRO C 59 -0.01 25.29 5.02
CA PRO C 59 0.47 25.18 6.40
C PRO C 59 1.52 24.10 6.58
N THR C 60 2.39 24.32 7.58
CA THR C 60 3.49 23.41 7.86
C THR C 60 3.64 23.02 9.33
N ASN C 61 2.90 23.64 10.24
CA ASN C 61 3.01 23.29 11.65
C ASN C 61 2.48 21.88 11.89
N ALA C 62 2.97 21.25 12.96
CA ALA C 62 2.57 19.88 13.26
C ALA C 62 1.08 19.80 13.58
N THR C 63 0.55 20.79 14.29
CA THR C 63 -0.87 20.77 14.63
C THR C 63 -1.74 21.02 13.40
N SER C 64 -1.22 21.72 12.39
CA SER C 64 -1.99 22.13 11.23
C SER C 64 -1.71 21.28 10.00
N LEU C 65 -1.08 20.11 10.17
CA LEU C 65 -0.77 19.28 9.01
C LEU C 65 -2.01 18.67 8.39
N MET C 66 -3.05 18.42 9.19
CA MET C 66 -4.28 17.84 8.66
C MET C 66 -5.13 18.85 7.90
N GLU C 67 -4.78 20.13 7.96
CA GLU C 67 -5.52 21.16 7.25
C GLU C 67 -5.11 21.27 5.78
N ARG C 68 -4.11 20.52 5.35
CA ARG C 68 -3.67 20.55 3.96
C ARG C 68 -4.53 19.69 3.04
N LEU C 69 -5.48 18.95 3.60
CA LEU C 69 -6.24 17.98 2.81
C LEU C 69 -7.49 18.57 2.16
N ARG C 70 -7.87 19.80 2.49
CA ARG C 70 -9.05 20.40 1.91
C ARG C 70 -8.89 21.91 1.87
N PHE C 71 -9.68 22.56 1.00
CA PHE C 71 -9.69 24.00 0.86
C PHE C 71 -11.11 24.52 0.92
N PRO C 72 -11.32 25.71 1.47
CA PRO C 72 -12.67 26.17 1.79
C PRO C 72 -13.40 26.83 0.62
N VAL C 73 -14.71 26.96 0.81
CA VAL C 73 -15.58 27.72 -0.09
C VAL C 73 -16.61 28.45 0.76
N SER C 74 -16.95 29.68 0.35
CA SER C 74 -17.86 30.51 1.13
C SER C 74 -18.50 31.54 0.21
N ALA C 75 -19.45 32.27 0.76
CA ALA C 75 -20.20 33.26 -0.01
C ALA C 75 -19.30 34.44 -0.38
N GLN C 76 -19.50 34.95 -1.60
CA GLN C 76 -18.67 36.01 -2.16
C GLN C 76 -19.57 37.18 -2.59
N ALA C 77 -18.97 38.13 -3.30
CA ALA C 77 -19.67 39.33 -3.74
C ALA C 77 -20.30 39.19 -5.12
N GLY C 78 -20.09 38.08 -5.81
CA GLY C 78 -20.72 37.84 -7.09
C GLY C 78 -19.96 38.32 -8.31
N LYS C 79 -18.67 38.60 -8.19
CA LYS C 79 -17.87 39.08 -9.32
C LYS C 79 -17.22 37.96 -10.12
N GLY C 80 -17.30 36.71 -9.65
CA GLY C 80 -16.60 35.62 -10.31
C GLY C 80 -15.18 35.50 -9.80
N GLU C 81 -15.02 35.37 -8.49
CA GLU C 81 -13.73 35.39 -7.84
C GLU C 81 -12.97 34.08 -8.08
N LEU C 82 -11.69 34.10 -7.75
CA LEU C 82 -10.82 32.95 -7.90
C LEU C 82 -10.69 32.20 -6.58
N CYS C 83 -10.65 30.88 -6.65
CA CYS C 83 -10.57 30.03 -5.48
C CYS C 83 -9.19 29.42 -5.27
N ALA C 84 -8.67 28.69 -6.25
CA ALA C 84 -7.38 28.02 -6.09
C ALA C 84 -6.78 27.75 -7.46
N VAL C 85 -5.45 27.62 -7.49
CA VAL C 85 -4.70 27.28 -8.69
C VAL C 85 -3.62 26.28 -8.33
N PHE C 86 -3.29 25.41 -9.28
CA PHE C 86 -2.20 24.46 -9.13
C PHE C 86 -1.79 23.94 -10.49
N ARG C 87 -0.63 23.31 -10.55
CA ARG C 87 -0.08 22.79 -11.79
C ARG C 87 -0.53 21.36 -12.04
N ALA C 88 -0.32 20.91 -13.28
CA ALA C 88 -0.78 19.59 -13.72
C ALA C 88 0.36 18.62 -14.00
N ASP C 89 1.52 18.80 -13.37
CA ASP C 89 2.63 17.87 -13.57
C ASP C 89 2.68 16.87 -12.42
N PRO C 90 2.40 15.59 -12.67
CA PRO C 90 2.42 14.62 -11.56
C PRO C 90 3.79 14.39 -10.96
N GLY C 91 4.86 14.48 -11.76
CA GLY C 91 6.19 14.22 -11.25
C GLY C 91 6.89 15.40 -10.61
N ARG C 92 6.36 16.61 -10.80
CA ARG C 92 6.97 17.81 -10.26
C ARG C 92 6.62 17.98 -8.79
N ASN C 93 7.43 18.78 -8.09
CA ASN C 93 7.16 19.10 -6.70
C ASN C 93 5.89 19.95 -6.58
N GLY C 94 5.10 19.66 -5.55
CA GLY C 94 3.87 20.39 -5.33
C GLY C 94 2.75 19.52 -4.81
N PRO C 95 1.51 19.83 -5.21
CA PRO C 95 0.37 19.05 -4.73
C PRO C 95 0.43 17.58 -5.07
N TRP C 96 0.97 17.22 -6.24
CA TRP C 96 0.92 15.84 -6.71
C TRP C 96 1.84 14.91 -5.94
N GLN C 97 2.71 15.44 -5.07
CA GLN C 97 3.60 14.59 -4.29
C GLN C 97 2.87 13.82 -3.20
N SER C 98 1.63 14.21 -2.88
CA SER C 98 0.87 13.52 -1.84
C SER C 98 0.07 12.34 -2.36
N THR C 99 -0.01 12.16 -3.67
CA THR C 99 -0.74 11.05 -4.26
C THR C 99 0.16 9.84 -4.46
N LEU C 100 -0.48 8.69 -4.67
CA LEU C 100 0.29 7.48 -5.00
C LEU C 100 0.81 7.53 -6.42
N LEU C 101 0.07 8.17 -7.33
CA LEU C 101 0.52 8.30 -8.71
C LEU C 101 1.83 9.08 -8.79
N GLY C 102 1.94 10.18 -8.04
CA GLY C 102 3.17 10.95 -8.04
C GLY C 102 4.34 10.16 -7.49
N GLN C 103 4.12 9.43 -6.39
CA GLN C 103 5.20 8.63 -5.81
C GLN C 103 5.65 7.55 -6.78
N LEU C 104 4.70 6.90 -7.47
CA LEU C 104 5.08 5.85 -8.41
C LEU C 104 5.78 6.41 -9.64
N CYS C 105 5.32 7.57 -10.12
CA CYS C 105 5.97 8.21 -11.27
C CYS C 105 7.33 8.79 -10.91
N GLY C 106 7.61 8.99 -9.62
CA GLY C 106 8.93 9.44 -9.21
C GLY C 106 10.04 8.47 -9.54
N TYR C 107 9.71 7.20 -9.77
CA TYR C 107 10.71 6.18 -10.12
C TYR C 107 10.95 6.08 -11.62
N TYR C 108 10.20 6.80 -12.45
CA TYR C 108 10.30 6.71 -13.89
C TYR C 108 10.55 8.08 -14.48
N THR C 109 11.43 8.13 -15.49
CA THR C 109 11.80 9.42 -16.09
C THR C 109 10.71 9.98 -16.99
N GLN C 110 10.09 9.14 -17.82
CA GLN C 110 9.15 9.60 -18.84
C GLN C 110 7.77 9.02 -18.60
N TRP C 111 6.74 9.78 -19.00
CA TRP C 111 5.36 9.37 -18.83
C TRP C 111 4.55 9.88 -20.01
N SER C 112 3.33 9.34 -20.15
CA SER C 112 2.46 9.68 -21.26
C SER C 112 1.05 9.21 -20.94
N GLY C 113 0.07 10.09 -21.13
CA GLY C 113 -1.31 9.72 -20.93
C GLY C 113 -2.19 10.82 -20.38
N SER C 114 -3.45 10.52 -20.13
CA SER C 114 -4.41 11.47 -19.59
C SER C 114 -4.56 11.26 -18.08
N LEU C 115 -4.88 12.37 -17.39
CA LEU C 115 -5.07 12.37 -15.95
C LEU C 115 -6.53 12.66 -15.62
N GLU C 116 -6.88 12.48 -14.36
CA GLU C 116 -8.24 12.66 -13.89
C GLU C 116 -8.24 13.21 -12.48
N VAL C 117 -9.05 14.23 -12.24
CA VAL C 117 -9.16 14.87 -10.93
C VAL C 117 -10.63 14.91 -10.54
N THR C 118 -10.93 14.57 -9.29
CA THR C 118 -12.29 14.51 -8.79
C THR C 118 -12.40 15.38 -7.54
N PHE C 119 -13.42 16.24 -7.50
CA PHE C 119 -13.67 17.12 -6.37
C PHE C 119 -14.98 16.72 -5.71
N MET C 120 -14.95 16.58 -4.39
CA MET C 120 -16.12 16.19 -3.61
C MET C 120 -16.49 17.33 -2.65
N PHE C 121 -17.77 17.67 -2.61
CA PHE C 121 -18.28 18.76 -1.80
C PHE C 121 -18.79 18.21 -0.48
N THR C 122 -18.25 18.71 0.64
CA THR C 122 -18.60 18.22 1.96
C THR C 122 -19.31 19.28 2.79
N GLY C 123 -20.24 20.01 2.19
CA GLY C 123 -21.05 20.97 2.90
C GLY C 123 -22.36 20.35 3.38
N SER C 124 -23.25 21.22 3.85
CA SER C 124 -24.54 20.76 4.33
C SER C 124 -25.48 20.47 3.16
N PHE C 125 -26.60 19.81 3.47
CA PHE C 125 -27.57 19.46 2.44
C PHE C 125 -28.30 20.68 1.91
N MET C 126 -28.30 21.78 2.64
CA MET C 126 -29.06 22.97 2.27
C MET C 126 -28.25 23.98 1.48
N ALA C 127 -26.99 23.68 1.15
CA ALA C 127 -26.14 24.60 0.44
C ALA C 127 -26.18 24.34 -1.06
N THR C 128 -26.07 25.40 -1.84
CA THR C 128 -26.08 25.33 -3.30
C THR C 128 -24.93 26.17 -3.85
N GLY C 129 -24.70 26.02 -5.14
CA GLY C 129 -23.67 26.82 -5.81
C GLY C 129 -23.24 26.18 -7.11
N LYS C 130 -22.49 26.96 -7.89
CA LYS C 130 -21.92 26.49 -9.14
C LYS C 130 -20.48 27.00 -9.24
N MET C 131 -19.63 26.20 -9.87
CA MET C 131 -18.21 26.50 -10.00
C MET C 131 -17.74 26.20 -11.41
N LEU C 132 -16.65 26.85 -11.80
CA LEU C 132 -16.00 26.64 -13.08
C LEU C 132 -14.56 26.19 -12.85
N ILE C 133 -14.23 25.00 -13.35
CA ILE C 133 -12.88 24.45 -13.26
C ILE C 133 -12.30 24.38 -14.66
N ALA C 134 -11.19 25.07 -14.87
CA ALA C 134 -10.61 25.24 -16.21
C ALA C 134 -9.19 24.72 -16.26
N TYR C 135 -8.83 24.14 -17.40
CA TYR C 135 -7.47 23.65 -17.66
C TYR C 135 -6.88 24.45 -18.82
N THR C 136 -5.71 25.04 -18.58
CA THR C 136 -5.06 25.88 -19.59
C THR C 136 -3.90 25.13 -20.21
N PRO C 137 -3.94 24.81 -21.49
CA PRO C 137 -2.82 24.09 -22.13
C PRO C 137 -1.54 24.90 -22.06
N PRO C 138 -0.39 24.26 -22.29
CA PRO C 138 0.89 24.97 -22.10
C PRO C 138 1.05 26.14 -23.05
N GLY C 139 1.80 27.14 -22.60
CA GLY C 139 2.07 28.34 -23.36
C GLY C 139 1.26 29.55 -22.93
N GLY C 140 0.17 29.36 -22.20
CA GLY C 140 -0.65 30.44 -21.74
C GLY C 140 -0.36 30.83 -20.31
N PRO C 141 -0.28 32.13 -20.03
CA PRO C 141 0.00 32.58 -18.67
C PRO C 141 -1.15 32.27 -17.72
N LEU C 142 -0.96 32.58 -16.45
CA LEU C 142 -2.00 32.36 -15.45
C LEU C 142 -3.18 33.28 -15.75
N PRO C 143 -4.39 32.75 -15.95
CA PRO C 143 -5.53 33.61 -16.33
C PRO C 143 -5.75 34.73 -15.33
N LYS C 144 -5.97 35.94 -15.85
CA LYS C 144 -6.20 37.10 -15.01
C LYS C 144 -7.61 37.10 -14.43
N ASP C 145 -8.60 36.69 -15.22
CA ASP C 145 -9.99 36.67 -14.77
C ASP C 145 -10.66 35.42 -15.33
N ARG C 146 -11.96 35.30 -15.05
CA ARG C 146 -12.73 34.15 -15.51
C ARG C 146 -12.97 34.19 -17.01
N ALA C 147 -13.00 35.40 -17.60
CA ALA C 147 -13.24 35.53 -19.03
C ALA C 147 -12.14 34.88 -19.84
N THR C 148 -10.88 35.06 -19.42
CA THR C 148 -9.77 34.39 -20.10
C THR C 148 -9.69 32.92 -19.75
N ALA C 149 -10.10 32.53 -18.54
CA ALA C 149 -10.02 31.14 -18.13
C ALA C 149 -11.07 30.28 -18.83
N MET C 150 -12.17 30.90 -19.28
CA MET C 150 -13.21 30.13 -19.96
C MET C 150 -12.77 29.65 -21.34
N LEU C 151 -11.65 30.16 -21.87
CA LEU C 151 -11.25 29.85 -23.23
C LEU C 151 -10.56 28.51 -23.38
N GLY C 152 -10.14 27.89 -22.27
CA GLY C 152 -9.61 26.54 -22.31
C GLY C 152 -10.68 25.50 -22.06
N THR C 153 -10.24 24.25 -21.95
CA THR C 153 -11.17 23.17 -21.64
C THR C 153 -11.62 23.30 -20.19
N HIS C 154 -12.93 23.20 -19.96
CA HIS C 154 -13.46 23.44 -18.62
C HIS C 154 -14.75 22.66 -18.45
N VAL C 155 -15.22 22.63 -17.20
CA VAL C 155 -16.50 22.03 -16.84
C VAL C 155 -17.16 22.90 -15.79
N ILE C 156 -18.48 22.93 -15.80
CA ILE C 156 -19.27 23.71 -14.86
C ILE C 156 -19.96 22.73 -13.91
N TRP C 157 -19.74 22.91 -12.61
CA TRP C 157 -20.14 21.95 -11.59
C TRP C 157 -21.27 22.52 -10.76
N ASP C 158 -22.37 21.79 -10.68
CA ASP C 158 -23.55 22.19 -9.93
C ASP C 158 -23.74 21.27 -8.73
N PHE C 159 -23.77 21.86 -7.53
CA PHE C 159 -23.95 21.08 -6.32
C PHE C 159 -25.37 20.51 -6.26
N GLY C 160 -25.48 19.26 -5.80
CA GLY C 160 -26.78 18.62 -5.70
C GLY C 160 -26.73 17.27 -5.01
N LEU C 161 -27.53 16.32 -5.47
CA LEU C 161 -27.53 14.99 -4.88
C LEU C 161 -26.19 14.30 -5.11
N GLN C 162 -25.63 14.42 -6.31
CA GLN C 162 -24.29 13.90 -6.59
C GLN C 162 -23.26 14.93 -6.13
N SER C 163 -22.47 14.55 -5.13
CA SER C 163 -21.58 15.51 -4.48
C SER C 163 -20.25 15.68 -5.21
N SER C 164 -19.95 14.86 -6.20
CA SER C 164 -18.65 14.89 -6.85
C SER C 164 -18.79 15.15 -8.35
N VAL C 165 -17.76 15.78 -8.90
CA VAL C 165 -17.61 15.97 -10.34
C VAL C 165 -16.17 15.61 -10.70
N THR C 166 -15.96 15.27 -11.97
CA THR C 166 -14.65 14.87 -12.45
C THR C 166 -14.19 15.78 -13.58
N LEU C 167 -12.94 16.20 -13.51
CA LEU C 167 -12.30 16.97 -14.57
C LEU C 167 -11.20 16.12 -15.18
N VAL C 168 -11.24 15.96 -16.50
CA VAL C 168 -10.28 15.15 -17.23
C VAL C 168 -9.27 16.07 -17.89
N ILE C 169 -7.99 15.81 -17.62
CA ILE C 169 -6.90 16.59 -18.21
C ILE C 169 -6.36 15.82 -19.41
N PRO C 170 -6.81 16.14 -20.63
CA PRO C 170 -6.45 15.31 -21.78
C PRO C 170 -4.99 15.46 -22.16
N TRP C 171 -4.50 14.47 -22.91
CA TRP C 171 -3.11 14.45 -23.34
C TRP C 171 -2.95 15.40 -24.53
N ILE C 172 -2.34 16.56 -24.28
CA ILE C 172 -2.03 17.53 -25.31
C ILE C 172 -0.55 17.84 -25.22
N SER C 173 0.24 17.29 -26.15
CA SER C 173 1.67 17.54 -26.17
C SER C 173 2.18 17.32 -27.59
N ASN C 174 3.36 17.88 -27.86
CA ASN C 174 3.96 17.72 -29.18
C ASN C 174 4.73 16.41 -29.30
N THR C 175 5.43 16.01 -28.24
CA THR C 175 6.17 14.76 -28.21
C THR C 175 5.30 13.63 -27.68
N HIS C 176 5.69 12.40 -28.02
CA HIS C 176 4.96 11.23 -27.55
C HIS C 176 5.08 11.08 -26.04
N TYR C 177 6.23 11.44 -25.47
CA TYR C 177 6.49 11.30 -24.05
C TYR C 177 6.97 12.63 -23.49
N ARG C 178 6.78 12.80 -22.19
CA ARG C 178 7.30 13.96 -21.46
C ARG C 178 8.34 13.51 -20.44
N ALA C 179 9.40 14.28 -20.31
CA ALA C 179 10.35 14.11 -19.22
C ALA C 179 9.93 14.99 -18.03
N HIS C 180 10.58 14.77 -16.89
CA HIS C 180 10.20 15.48 -15.68
C HIS C 180 10.62 16.94 -15.78
N ALA C 181 9.68 17.84 -15.53
CA ALA C 181 9.90 19.27 -15.75
C ALA C 181 10.31 19.97 -14.45
N ARG C 182 11.14 21.00 -14.61
CA ARG C 182 11.57 21.84 -13.50
C ARG C 182 11.99 23.19 -14.08
N ASP C 183 12.25 24.14 -13.18
CA ASP C 183 12.62 25.48 -13.61
C ASP C 183 13.94 25.45 -14.37
N GLY C 184 13.98 26.20 -15.49
CA GLY C 184 15.15 26.26 -16.34
C GLY C 184 14.84 25.73 -17.74
N VAL C 185 15.80 25.00 -18.31
CA VAL C 185 15.62 24.44 -19.64
C VAL C 185 14.49 23.41 -19.65
N PHE C 186 14.40 22.60 -18.59
CA PHE C 186 13.38 21.56 -18.53
C PHE C 186 11.94 22.00 -18.26
N ASP C 187 11.66 23.30 -18.25
CA ASP C 187 10.27 23.77 -18.29
C ASP C 187 9.70 23.70 -19.71
N TYR C 188 10.34 22.91 -20.57
CA TYR C 188 9.87 22.67 -21.93
C TYR C 188 8.76 21.64 -21.83
N TYR C 189 8.60 21.00 -20.68
CA TYR C 189 7.69 19.87 -20.52
C TYR C 189 6.50 20.18 -19.60
N THR C 190 6.11 21.44 -19.48
CA THR C 190 4.98 21.78 -18.64
C THR C 190 3.68 21.25 -19.23
N THR C 191 2.73 20.92 -18.36
CA THR C 191 1.45 20.39 -18.79
C THR C 191 0.34 21.44 -18.76
N GLY C 192 0.51 22.51 -18.00
CA GLY C 192 -0.46 23.57 -17.95
C GLY C 192 -0.86 23.87 -16.51
N LEU C 193 -1.99 24.53 -16.36
CA LEU C 193 -2.48 24.97 -15.07
C LEU C 193 -3.95 24.63 -14.92
N VAL C 194 -4.39 24.50 -13.67
CA VAL C 194 -5.79 24.26 -13.36
C VAL C 194 -6.27 25.35 -12.40
N SER C 195 -7.42 25.94 -12.71
CA SER C 195 -7.97 27.03 -11.92
C SER C 195 -9.42 26.74 -11.56
N ILE C 196 -9.86 27.27 -10.42
CA ILE C 196 -11.23 27.10 -9.95
C ILE C 196 -11.81 28.49 -9.69
N TRP C 197 -12.92 28.80 -10.34
CA TRP C 197 -13.55 30.10 -10.25
C TRP C 197 -15.00 29.95 -9.80
N TYR C 198 -15.50 30.99 -9.13
CA TYR C 198 -16.92 31.01 -8.78
C TYR C 198 -17.76 31.28 -10.01
N GLN C 199 -18.78 30.45 -10.23
CA GLN C 199 -19.69 30.71 -11.33
C GLN C 199 -20.77 31.71 -10.92
N THR C 200 -21.59 31.36 -9.93
CA THR C 200 -22.63 32.26 -9.45
C THR C 200 -22.39 32.72 -8.01
N ASN C 201 -22.42 31.80 -7.04
CA ASN C 201 -22.27 32.15 -5.63
C ASN C 201 -22.39 30.87 -4.80
N TYR C 202 -22.19 31.03 -3.48
CA TYR C 202 -22.43 29.99 -2.49
C TYR C 202 -23.59 30.46 -1.62
N VAL C 203 -24.79 29.93 -1.89
CA VAL C 203 -26.03 30.39 -1.26
C VAL C 203 -26.41 29.40 -0.17
N VAL C 204 -26.78 29.92 1.00
CA VAL C 204 -27.10 29.08 2.15
C VAL C 204 -28.24 29.73 2.93
N PRO C 205 -29.20 28.95 3.45
CA PRO C 205 -30.30 29.55 4.21
C PRO C 205 -29.93 29.93 5.64
N ILE C 206 -30.92 30.37 6.40
CA ILE C 206 -30.72 30.72 7.81
C ILE C 206 -30.57 29.44 8.62
N GLY C 207 -29.52 29.38 9.44
CA GLY C 207 -29.31 28.26 10.32
C GLY C 207 -28.35 27.20 9.83
N ALA C 208 -27.58 27.48 8.79
CA ALA C 208 -26.59 26.54 8.28
C ALA C 208 -25.23 27.23 8.19
N PRO C 209 -24.14 26.46 8.32
CA PRO C 209 -22.81 27.08 8.36
C PRO C 209 -22.47 27.80 7.06
N ASN C 210 -21.70 28.88 7.20
CA ASN C 210 -21.35 29.74 6.08
C ASN C 210 -20.11 29.26 5.32
N THR C 211 -19.41 28.24 5.81
CA THR C 211 -18.20 27.76 5.17
C THR C 211 -18.25 26.25 5.01
N ALA C 212 -17.84 25.79 3.83
CA ALA C 212 -17.74 24.37 3.53
C ALA C 212 -16.33 24.08 3.03
N TYR C 213 -16.06 22.80 2.75
CA TYR C 213 -14.75 22.36 2.32
C TYR C 213 -14.88 21.40 1.15
N ILE C 214 -13.82 21.33 0.35
CA ILE C 214 -13.77 20.50 -0.85
C ILE C 214 -12.57 19.59 -0.77
N ILE C 215 -12.75 18.32 -1.12
CA ILE C 215 -11.69 17.33 -1.14
C ILE C 215 -11.40 16.97 -2.59
N ALA C 216 -10.11 16.99 -2.96
CA ALA C 216 -9.68 16.70 -4.31
C ALA C 216 -8.99 15.35 -4.36
N LEU C 217 -9.39 14.51 -5.32
CA LEU C 217 -8.82 13.18 -5.51
C LEU C 217 -8.31 13.07 -6.95
N ALA C 218 -7.13 12.47 -7.12
CA ALA C 218 -6.47 12.42 -8.41
C ALA C 218 -6.03 11.00 -8.73
N ALA C 219 -6.01 10.69 -10.03
CA ALA C 219 -5.64 9.38 -10.53
C ALA C 219 -5.27 9.52 -12.01
N ALA C 220 -5.12 8.38 -12.69
CA ALA C 220 -4.74 8.35 -14.08
C ALA C 220 -5.78 7.57 -14.90
N GLN C 221 -5.69 7.70 -16.22
CA GLN C 221 -6.60 7.06 -17.15
C GLN C 221 -6.00 5.75 -17.65
N LYS C 222 -6.64 5.16 -18.66
CA LYS C 222 -6.25 3.85 -19.17
C LYS C 222 -5.17 3.90 -20.24
N ASN C 223 -4.77 5.09 -20.69
CA ASN C 223 -3.68 5.22 -21.64
C ASN C 223 -2.38 5.67 -20.99
N PHE C 224 -2.32 5.68 -19.66
CA PHE C 224 -1.14 6.15 -18.94
C PHE C 224 -0.06 5.07 -18.95
N THR C 225 1.17 5.46 -19.33
CA THR C 225 2.31 4.56 -19.32
C THR C 225 3.56 5.34 -18.93
N MET C 226 4.56 4.61 -18.41
CA MET C 226 5.85 5.17 -18.07
C MET C 226 6.96 4.24 -18.55
N LYS C 227 8.19 4.75 -18.54
CA LYS C 227 9.34 3.98 -19.00
C LYS C 227 10.62 4.56 -18.42
N LEU C 228 11.73 3.88 -18.69
CA LEU C 228 13.08 4.32 -18.29
C LEU C 228 13.16 4.48 -16.76
N CYS C 229 13.06 3.34 -16.10
CA CYS C 229 13.09 3.30 -14.64
C CYS C 229 14.37 3.92 -14.08
N LYS C 230 14.20 4.72 -13.03
CA LYS C 230 15.33 5.32 -12.31
C LYS C 230 15.12 5.28 -10.80
N ASP C 231 15.91 6.04 -10.05
CA ASP C 231 15.77 6.10 -8.61
C ASP C 231 15.01 7.33 -8.12
N ALA C 232 14.43 7.21 -6.93
CA ALA C 232 13.59 8.28 -6.40
C ALA C 232 14.52 9.43 -6.00
N SER C 233 14.00 10.64 -6.10
CA SER C 233 14.80 11.83 -5.80
C SER C 233 15.08 11.97 -4.32
N ASP C 234 14.21 11.43 -3.47
CA ASP C 234 14.32 11.58 -2.02
C ASP C 234 14.67 10.25 -1.40
N ILE C 235 15.66 10.26 -0.51
CA ILE C 235 16.08 9.09 0.25
C ILE C 235 15.76 9.33 1.72
N LEU C 236 15.06 8.39 2.34
CA LEU C 236 14.56 8.54 3.70
C LEU C 236 15.52 7.89 4.69
N GLN C 237 16.70 8.51 4.82
CA GLN C 237 17.70 8.04 5.77
C GLN C 237 18.70 9.17 5.98
N THR C 238 18.86 9.60 7.23
CA THR C 238 19.74 10.73 7.54
C THR C 238 21.10 10.32 8.06
N GLY C 239 21.31 9.04 8.35
CA GLY C 239 22.57 8.56 8.86
C GLY C 239 22.62 7.06 8.76
N THR C 240 23.12 6.43 9.82
CA THR C 240 23.15 4.97 9.87
C THR C 240 21.90 4.45 10.57
N ILE C 241 21.16 3.58 9.89
CA ILE C 241 19.97 2.96 10.47
C ILE C 241 20.44 1.88 11.43
N GLN C 242 20.35 2.14 12.73
CA GLN C 242 20.83 1.21 13.75
C GLN C 242 19.74 0.23 14.16
N GLU D 14 14.93 -31.57 -15.02
CA GLU D 14 15.42 -30.74 -13.92
C GLU D 14 14.39 -30.67 -12.80
N ASN D 15 14.84 -30.27 -11.62
CA ASN D 15 13.94 -30.09 -10.49
C ASN D 15 13.06 -28.86 -10.71
N SER D 16 11.76 -29.00 -10.45
CA SER D 16 10.82 -27.89 -10.60
C SER D 16 10.61 -27.24 -9.23
N ASN D 17 11.58 -26.41 -8.85
CA ASN D 17 11.59 -25.76 -7.55
C ASN D 17 11.70 -24.25 -7.67
N SER D 18 11.09 -23.67 -8.69
CA SER D 18 11.08 -22.22 -8.82
C SER D 18 10.01 -21.62 -7.90
N ALA D 19 10.13 -20.31 -7.66
CA ALA D 19 9.16 -19.62 -6.83
C ALA D 19 7.89 -19.27 -7.58
N THR D 20 7.90 -19.35 -8.91
CA THR D 20 6.74 -19.02 -9.72
C THR D 20 5.90 -20.23 -10.12
N THR D 24 1.15 -17.59 -13.85
CA THR D 24 0.88 -17.56 -15.28
C THR D 24 1.86 -16.59 -15.94
N ILE D 25 3.08 -16.55 -15.42
CA ILE D 25 4.11 -15.62 -15.86
C ILE D 25 5.46 -16.33 -15.95
N ASN D 26 6.48 -15.61 -16.43
CA ASN D 26 7.86 -16.08 -16.37
C ASN D 26 8.07 -17.39 -17.10
N TYR D 27 7.93 -17.38 -18.42
CA TYR D 27 7.90 -18.62 -19.18
C TYR D 27 9.13 -18.82 -20.09
N THR D 28 9.96 -17.79 -20.25
CA THR D 28 11.03 -17.81 -21.24
C THR D 28 12.42 -17.78 -20.60
N THR D 29 12.63 -18.55 -19.53
CA THR D 29 13.90 -18.52 -18.80
C THR D 29 14.97 -19.36 -19.49
N ILE D 30 16.23 -19.15 -19.10
CA ILE D 30 17.37 -19.93 -19.57
C ILE D 30 18.10 -20.50 -18.36
N ASN D 31 18.46 -21.78 -18.42
CA ASN D 31 19.07 -22.44 -17.28
C ASN D 31 20.20 -23.33 -17.74
N TYR D 32 21.16 -23.55 -16.84
CA TYR D 32 22.28 -24.47 -17.07
C TYR D 32 22.43 -25.54 -16.01
N TYR D 33 21.72 -25.44 -14.88
CA TYR D 33 21.77 -26.42 -13.81
C TYR D 33 20.43 -27.15 -13.74
N LYS D 34 20.32 -28.06 -12.78
CA LYS D 34 19.11 -28.87 -12.63
C LYS D 34 18.12 -28.28 -11.64
N ASP D 35 18.41 -27.13 -11.06
CA ASP D 35 17.51 -26.47 -10.12
C ASP D 35 16.87 -25.26 -10.80
N SER D 36 15.53 -25.22 -10.81
CA SER D 36 14.80 -24.22 -11.56
C SER D 36 14.93 -22.82 -10.99
N TYR D 37 15.44 -22.67 -9.77
CA TYR D 37 15.55 -21.34 -9.17
C TYR D 37 16.86 -20.65 -9.51
N ALA D 38 17.68 -21.23 -10.37
CA ALA D 38 18.90 -20.61 -10.84
C ALA D 38 18.78 -20.02 -12.23
N ALA D 39 17.62 -20.13 -12.86
CA ALA D 39 17.45 -19.67 -14.23
C ALA D 39 17.40 -18.14 -14.28
N THR D 40 17.30 -17.62 -15.50
CA THR D 40 17.22 -16.19 -15.71
C THR D 40 15.82 -15.67 -15.38
N ALA D 41 15.70 -14.34 -15.28
CA ALA D 41 14.41 -13.74 -14.95
C ALA D 41 13.38 -13.99 -16.04
N GLY D 42 13.76 -13.81 -17.30
CA GLY D 42 12.86 -14.07 -18.40
C GLY D 42 11.83 -12.96 -18.58
N LYS D 43 10.80 -13.28 -19.36
CA LYS D 43 9.71 -12.36 -19.68
C LYS D 43 8.42 -12.85 -19.05
N GLN D 44 7.67 -11.93 -18.45
CA GLN D 44 6.40 -12.27 -17.81
C GLN D 44 5.25 -12.09 -18.80
N SER D 45 4.03 -12.27 -18.31
CA SER D 45 2.82 -12.13 -19.12
C SER D 45 2.15 -10.81 -18.80
N LEU D 46 1.77 -10.07 -19.84
CA LEU D 46 1.22 -8.73 -19.69
C LEU D 46 -0.30 -8.83 -19.52
N LYS D 47 -0.73 -8.89 -18.26
CA LYS D 47 -2.13 -8.91 -17.90
C LYS D 47 -2.37 -7.98 -16.72
N GLN D 48 -3.51 -7.31 -16.72
CA GLN D 48 -3.85 -6.37 -15.65
C GLN D 48 -5.29 -6.59 -15.20
N ASP D 49 -5.52 -6.33 -13.92
CA ASP D 49 -6.86 -6.41 -13.32
C ASP D 49 -7.10 -5.15 -12.50
N PRO D 50 -7.30 -4.01 -13.16
CA PRO D 50 -7.49 -2.75 -12.41
C PRO D 50 -8.72 -2.75 -11.52
N ASP D 51 -9.78 -3.45 -11.91
CA ASP D 51 -11.03 -3.42 -11.17
C ASP D 51 -10.93 -4.02 -9.77
N LYS D 52 -9.86 -4.75 -9.47
CA LYS D 52 -9.70 -5.30 -8.13
C LYS D 52 -9.56 -4.20 -7.10
N PHE D 53 -8.84 -3.13 -7.43
CA PHE D 53 -8.65 -2.00 -6.53
C PHE D 53 -9.46 -0.77 -6.92
N ALA D 54 -9.67 -0.53 -8.22
CA ALA D 54 -10.42 0.65 -8.64
C ALA D 54 -11.92 0.49 -8.41
N ASN D 55 -12.48 -0.68 -8.71
CA ASN D 55 -13.93 -0.91 -8.66
C ASN D 55 -14.24 -2.19 -7.89
N PRO D 56 -14.06 -2.17 -6.57
CA PRO D 56 -14.37 -3.37 -5.78
C PRO D 56 -15.82 -3.42 -5.35
N VAL D 57 -16.67 -2.61 -5.98
CA VAL D 57 -18.06 -2.50 -5.56
C VAL D 57 -18.83 -3.77 -5.90
N LYS D 58 -19.96 -3.96 -5.22
CA LYS D 58 -20.74 -5.19 -5.40
C LYS D 58 -21.67 -5.09 -6.61
N ASP D 59 -22.36 -3.97 -6.75
CA ASP D 59 -23.29 -3.74 -7.85
C ASP D 59 -22.67 -2.72 -8.80
N ILE D 60 -22.21 -3.18 -9.96
CA ILE D 60 -21.58 -2.29 -10.92
C ILE D 60 -22.61 -1.36 -11.52
N PHE D 61 -22.20 -0.13 -11.81
CA PHE D 61 -23.07 0.90 -12.34
C PHE D 61 -22.49 1.48 -13.62
N THR D 62 -23.39 1.86 -14.53
CA THR D 62 -23.00 2.39 -15.83
C THR D 62 -22.50 3.83 -15.69
N GLU D 63 -21.56 4.20 -16.57
CA GLU D 63 -21.01 5.55 -16.55
C GLU D 63 -22.09 6.59 -16.84
N MET D 64 -22.95 6.32 -17.83
CA MET D 64 -23.98 7.28 -18.21
C MET D 64 -24.95 7.54 -17.08
N ALA D 65 -25.36 6.50 -16.36
CA ALA D 65 -26.34 6.64 -15.30
C ALA D 65 -25.73 7.27 -14.07
N ALA D 66 -26.58 7.91 -13.26
CA ALA D 66 -26.13 8.49 -12.01
C ALA D 66 -25.77 7.38 -11.03
N PRO D 67 -24.61 7.45 -10.38
CA PRO D 67 -24.20 6.36 -9.48
C PRO D 67 -25.16 6.09 -8.35
N LEU D 68 -25.79 7.12 -7.78
CA LEU D 68 -26.65 6.96 -6.62
C LEU D 68 -28.00 7.58 -6.90
N LYS D 69 -29.04 6.74 -7.00
CA LYS D 69 -30.40 7.22 -7.19
C LYS D 69 -31.40 6.10 -6.90
C1 SPH E . 13.96 -9.27 5.61
O1 SPH E . 14.37 -8.69 6.80
C2 SPH E . 14.68 -10.55 5.33
N2 SPH E . 14.66 -11.30 6.57
C3 SPH E . 14.14 -11.41 4.22
O3 SPH E . 14.54 -10.93 2.99
C4 SPH E . 14.71 -12.75 4.13
C5 SPH E . 15.79 -12.99 3.51
C6 SPH E . 15.97 -13.09 2.05
C7 SPH E . 17.22 -13.78 1.74
C8 SPH E . 17.16 -15.27 1.88
C9 SPH E . 18.33 -15.84 2.62
C10 SPH E . 19.65 -15.55 2.02
C11 SPH E . 20.77 -16.37 2.52
C12 SPH E . 22.02 -16.21 1.73
C13 SPH E . 23.10 -15.44 2.41
C14 SPH E . 24.44 -15.54 1.75
C15 SPH E . 24.90 -16.92 1.48
C16 SPH E . 26.37 -17.09 1.48
C17 SPH E . 26.78 -18.31 0.70
C18 SPH E . 28.24 -18.47 0.57
#